data_4GL2
#
_entry.id   4GL2
#
_cell.length_a   71.112
_cell.length_b   154.748
_cell.length_c   185.006
_cell.angle_alpha   90.00
_cell.angle_beta   90.00
_cell.angle_gamma   90.00
#
_symmetry.space_group_name_H-M   'P 21 21 21'
#
loop_
_entity.id
_entity.type
_entity.pdbx_description
1 polymer 'Interferon-induced helicase C domain-containing protein 1'
2 polymer "RNA (5'-R(*AP*UP*CP*CP*GP*CP*GP*GP*CP*CP*CP*U)-3')"
3 polymer "RNA (5'-R(P*AP*GP*GP*GP*CP*CP*GP*CP*GP*GP*AP*U)-3')"
4 non-polymer 'PHOSPHOAMINOPHOSPHONIC ACID-ADENYLATE ESTER'
5 non-polymer 'ZINC ION'
#
loop_
_entity_poly.entity_id
_entity_poly.type
_entity_poly.pdbx_seq_one_letter_code
_entity_poly.pdbx_strand_id
1 'polypeptide(L)'
;GPGAMLQLRPYQMEVAQPALEGKNIIICLPTGCGKTRVAVYIAKDHLDKKKKASEPGKVIVLVNKVLLVEQLFRKEFQPF
LKKWYRVIGLSGDTQLKISFPEVVKSCDIIISTAQILENSLLNLENGEDAGVQLSDFSLIIIDECHHTNKEAVYNNIMRH
YLMQKLKNNRLKKENKPVIPLPQILGLTASPGVGGATKQAKAEEHILKLCANLDAFTIKTVKENLDQLKNQIQEPCKKFA
IADATREDPFKEKLLEIMTRIQTYCQMSPMSDFGTQPYEQWAIQMEKKAAKEGNRKERVCAEHLRKYNEALQINDTIRMI
DAYTHLETFYNEEKDKKFAVIEDDLKKPLKLDETDRFLMTLFFENNKMLKRLAENPEYENEKLTKLRNTIMEQYTRTEES
ARGIIFTKTRQSAYALSQWITENEKFAEVGVKAHHLIGAGHSSEFKPMTQNEQKEVISKFRTGKINLLIATTVAEEGLDI
KECNIVIRYGLVTNEIAMVQARGRARADESTYVLVAHSGSGVIERETVNDFREKMMYKAIHCVQNMKPEEYAHKILELQM
QSIMEKKMKTKRNIAKHYKNNPSLITFLCKNCSVLACSGEDIHVIEKMHHVNMTPEFKELYIVRENKTLQKKCADYQING
EIICKCGQAWGTMMVHKGLDLPCLKIRNFVVVFKNNSTKKQYKKWVELPITFPNLDYSE
;
A,B
2 'polyribonucleotide' AUCCGCGGCCCU C,E
3 'polyribonucleotide' AGGGCCGCGGAU F,D
#
loop_
_chem_comp.id
_chem_comp.type
_chem_comp.name
_chem_comp.formula
A RNA linking ADENOSINE-5'-MONOPHOSPHATE 'C10 H14 N5 O7 P'
ANP non-polymer 'PHOSPHOAMINOPHOSPHONIC ACID-ADENYLATE ESTER' 'C10 H17 N6 O12 P3'
C RNA linking CYTIDINE-5'-MONOPHOSPHATE 'C9 H14 N3 O8 P'
G RNA linking GUANOSINE-5'-MONOPHOSPHATE 'C10 H14 N5 O8 P'
U RNA linking URIDINE-5'-MONOPHOSPHATE 'C9 H13 N2 O9 P'
ZN non-polymer 'ZINC ION' 'Zn 2'
#
# COMPACT_ATOMS: atom_id res chain seq x y z
CA LEU A 6 45.18 5.61 19.79
C LEU A 6 45.69 4.80 20.98
N GLN A 7 44.94 4.84 22.08
CA GLN A 7 45.26 4.06 23.28
C GLN A 7 44.01 3.73 24.08
N LEU A 8 43.97 2.53 24.67
CA LEU A 8 42.86 2.14 25.54
C LEU A 8 43.30 2.08 26.99
N ARG A 9 42.50 2.70 27.85
CA ARG A 9 42.71 2.68 29.28
C ARG A 9 42.48 1.26 29.77
N PRO A 10 43.09 0.88 30.90
CA PRO A 10 43.14 -0.53 31.33
C PRO A 10 41.77 -1.16 31.55
N TYR A 11 40.84 -0.38 32.08
CA TYR A 11 39.53 -0.93 32.40
C TYR A 11 38.77 -1.26 31.12
N GLN A 12 38.97 -0.44 30.08
CA GLN A 12 38.32 -0.64 28.78
C GLN A 12 38.89 -1.83 28.00
N MET A 13 40.06 -2.31 28.41
CA MET A 13 40.65 -3.46 27.74
C MET A 13 39.92 -4.75 28.12
N GLU A 14 39.57 -4.89 29.39
CA GLU A 14 38.95 -6.14 29.83
C GLU A 14 37.58 -6.32 29.20
N VAL A 15 36.86 -5.22 29.04
CA VAL A 15 35.54 -5.26 28.44
C VAL A 15 35.61 -5.57 26.93
N ALA A 16 36.71 -5.19 26.29
CA ALA A 16 36.85 -5.39 24.85
C ALA A 16 37.43 -6.74 24.45
N GLN A 17 37.99 -7.49 25.40
CA GLN A 17 38.69 -8.73 25.09
C GLN A 17 37.86 -9.79 24.35
N PRO A 18 36.61 -10.04 24.78
CA PRO A 18 35.85 -11.06 24.05
C PRO A 18 35.52 -10.64 22.62
N ALA A 19 35.22 -9.36 22.41
CA ALA A 19 34.92 -8.86 21.08
C ALA A 19 36.10 -9.04 20.13
N LEU A 20 37.32 -8.96 20.66
CA LEU A 20 38.51 -9.02 19.81
C LEU A 20 38.65 -10.33 19.02
N GLU A 21 38.23 -11.45 19.60
CA GLU A 21 38.17 -12.71 18.84
C GLU A 21 36.74 -13.27 18.85
N GLY A 22 36.09 -13.25 17.69
CA GLY A 22 34.74 -13.75 17.56
C GLY A 22 33.81 -13.17 18.61
N LYS A 23 33.11 -14.06 19.31
CA LYS A 23 32.40 -13.73 20.55
C LYS A 23 31.68 -12.40 20.47
N ASN A 24 30.63 -12.34 19.69
CA ASN A 24 29.80 -11.16 19.65
C ASN A 24 29.21 -10.85 21.04
N ILE A 25 29.41 -9.63 21.50
CA ILE A 25 29.03 -9.22 22.86
C ILE A 25 28.26 -7.92 22.89
N ILE A 26 27.67 -7.62 24.04
CA ILE A 26 27.23 -6.28 24.38
C ILE A 26 28.34 -5.66 25.23
N ILE A 27 28.54 -4.35 25.12
CA ILE A 27 29.47 -3.64 26.01
C ILE A 27 28.65 -2.56 26.70
N CYS A 28 28.51 -2.67 28.02
CA CYS A 28 27.92 -1.58 28.79
C CYS A 28 28.92 -1.07 29.81
N LEU A 29 29.23 0.22 29.70
CA LEU A 29 30.15 0.89 30.61
C LEU A 29 29.44 2.15 31.10
N PRO A 30 29.69 2.57 32.35
CA PRO A 30 29.04 3.76 32.93
C PRO A 30 29.17 5.01 32.05
N THR A 31 28.19 5.91 32.14
CA THR A 31 28.18 7.08 31.27
C THR A 31 29.39 7.96 31.53
N GLY A 32 29.90 8.57 30.48
CA GLY A 32 31.17 9.27 30.56
C GLY A 32 32.39 8.37 30.52
N CYS A 33 32.21 7.06 30.34
CA CYS A 33 33.33 6.13 30.28
C CYS A 33 34.18 6.33 29.05
N GLY A 34 33.59 6.88 28.00
CA GLY A 34 34.25 7.01 26.72
C GLY A 34 34.07 5.79 25.83
N LYS A 35 32.97 5.06 26.03
CA LYS A 35 32.82 3.74 25.41
C LYS A 35 32.66 3.72 23.89
N THR A 36 32.53 4.87 23.24
CA THR A 36 32.49 4.84 21.77
C THR A 36 33.92 4.59 21.28
N ARG A 37 34.90 5.06 22.05
CA ARG A 37 36.31 4.86 21.72
C ARG A 37 36.68 3.39 21.68
N VAL A 38 36.15 2.60 22.62
CA VAL A 38 36.44 1.17 22.64
C VAL A 38 35.94 0.53 21.35
N ALA A 39 34.80 0.99 20.84
CA ALA A 39 34.28 0.44 19.59
C ALA A 39 35.32 0.62 18.49
N VAL A 40 35.95 1.79 18.41
CA VAL A 40 36.97 2.06 17.38
C VAL A 40 38.08 1.01 17.42
N TYR A 41 38.44 0.57 18.63
CA TYR A 41 39.53 -0.38 18.80
C TYR A 41 39.18 -1.78 18.29
N ILE A 42 37.92 -2.17 18.41
CA ILE A 42 37.50 -3.47 17.87
C ILE A 42 37.53 -3.40 16.34
N ALA A 43 37.10 -2.26 15.79
CA ALA A 43 37.11 -2.05 14.35
C ALA A 43 38.53 -2.16 13.81
N LYS A 44 39.46 -1.35 14.34
CA LYS A 44 40.87 -1.43 13.93
C LYS A 44 41.34 -2.88 14.03
N ASP A 45 41.14 -3.48 15.21
CA ASP A 45 41.49 -4.88 15.41
C ASP A 45 40.88 -5.76 14.34
N HIS A 46 39.63 -5.49 14.00
CA HIS A 46 38.92 -6.35 13.06
C HIS A 46 39.49 -6.27 11.66
N LEU A 47 39.49 -5.07 11.10
CA LEU A 47 39.91 -4.84 9.74
C LEU A 47 41.36 -5.30 9.54
N ASP A 48 42.24 -4.88 10.43
CA ASP A 48 43.63 -5.29 10.37
C ASP A 48 43.72 -6.81 10.34
N LYS A 49 42.88 -7.48 11.13
CA LYS A 49 42.89 -8.93 11.20
C LYS A 49 42.39 -9.56 9.91
N LYS A 50 41.47 -8.87 9.23
CA LYS A 50 40.89 -9.42 8.01
C LYS A 50 41.90 -9.32 6.86
N LYS A 51 42.64 -8.21 6.80
CA LYS A 51 43.68 -8.04 5.77
C LYS A 51 44.75 -9.12 5.88
N LYS A 52 45.09 -9.49 7.10
CA LYS A 52 46.07 -10.56 7.32
C LYS A 52 45.53 -11.90 6.88
N ALA A 53 44.25 -12.12 7.16
CA ALA A 53 43.56 -13.35 6.78
C ALA A 53 43.11 -13.37 5.31
N SER A 54 43.26 -12.25 4.61
CA SER A 54 42.92 -12.17 3.18
C SER A 54 41.41 -12.29 2.90
N GLU A 55 40.61 -11.97 3.91
CA GLU A 55 39.16 -11.99 3.87
C GLU A 55 38.66 -10.55 3.89
N PRO A 56 37.41 -10.31 3.43
CA PRO A 56 36.92 -8.93 3.32
C PRO A 56 36.81 -8.20 4.66
N GLY A 57 36.75 -6.88 4.66
CA GLY A 57 36.42 -6.12 5.86
C GLY A 57 35.41 -5.02 5.62
N LYS A 58 34.55 -4.82 6.60
CA LYS A 58 33.49 -3.78 6.59
C LYS A 58 32.94 -3.53 7.98
N VAL A 59 32.38 -2.35 8.24
CA VAL A 59 31.65 -2.10 9.49
C VAL A 59 30.46 -1.15 9.29
N ILE A 60 29.29 -1.50 9.79
CA ILE A 60 28.09 -0.71 9.50
C ILE A 60 27.74 0.38 10.53
N VAL A 61 28.27 0.30 11.75
CA VAL A 61 28.17 1.37 12.76
C VAL A 61 26.81 2.14 12.83
N LEU A 62 25.73 1.45 13.18
CA LEU A 62 24.39 2.05 13.20
C LEU A 62 24.17 2.99 14.41
N VAL A 63 23.48 4.11 14.21
CA VAL A 63 23.18 5.04 15.31
C VAL A 63 21.72 5.51 15.30
N ASN A 64 21.23 6.03 16.42
CA ASN A 64 19.86 6.52 16.52
C ASN A 64 19.61 7.96 16.05
N LYS A 65 20.67 8.76 15.93
CA LYS A 65 20.55 10.18 15.60
C LYS A 65 21.38 10.57 14.38
N VAL A 66 20.83 11.47 13.57
CA VAL A 66 21.59 11.96 12.44
C VAL A 66 22.74 12.83 12.97
N LEU A 67 22.49 13.57 14.03
CA LEU A 67 23.51 14.45 14.60
C LEU A 67 24.69 13.64 15.14
N LEU A 68 24.42 12.45 15.65
CA LEU A 68 25.48 11.53 16.07
C LEU A 68 26.31 11.00 14.90
N VAL A 69 25.77 11.03 13.68
CA VAL A 69 26.53 10.58 12.54
C VAL A 69 27.75 11.46 12.36
N GLU A 70 27.55 12.78 12.36
CA GLU A 70 28.65 13.72 12.21
C GLU A 70 29.52 13.74 13.46
N GLN A 71 28.88 13.65 14.62
CA GLN A 71 29.61 13.76 15.88
C GLN A 71 30.53 12.56 16.07
N LEU A 72 30.03 11.36 15.83
CA LEU A 72 30.85 10.16 15.98
C LEU A 72 32.01 10.19 15.00
N PHE A 73 31.71 10.51 13.75
CA PHE A 73 32.71 10.49 12.69
C PHE A 73 33.91 11.39 13.03
N ARG A 74 33.63 12.67 13.26
CA ARG A 74 34.69 13.66 13.46
C ARG A 74 35.51 13.41 14.73
N LYS A 75 34.84 13.01 15.82
CA LYS A 75 35.52 12.83 17.12
C LYS A 75 36.23 11.49 17.35
N GLU A 76 35.68 10.41 16.82
CA GLU A 76 36.08 9.06 17.23
C GLU A 76 36.68 8.24 16.09
N PHE A 77 35.86 7.88 15.10
CA PHE A 77 36.27 6.93 14.08
C PHE A 77 37.22 7.51 13.04
N GLN A 78 36.97 8.73 12.59
CA GLN A 78 37.79 9.29 11.53
C GLN A 78 39.23 9.59 11.98
N PRO A 79 39.41 10.37 13.05
CA PRO A 79 40.75 10.91 13.34
C PRO A 79 41.84 9.86 13.57
N PHE A 80 41.48 8.72 14.14
CA PHE A 80 42.45 7.66 14.34
C PHE A 80 42.68 6.80 13.10
N LEU A 81 41.59 6.48 12.41
CA LEU A 81 41.63 5.57 11.26
C LEU A 81 41.80 6.26 9.90
N LYS A 82 41.97 7.58 9.90
CA LYS A 82 42.03 8.36 8.67
C LYS A 82 43.04 7.77 7.68
N LYS A 83 44.27 7.56 8.16
CA LYS A 83 45.33 7.09 7.29
C LYS A 83 45.12 5.64 6.84
N TRP A 84 44.74 4.77 7.76
CA TRP A 84 44.68 3.34 7.43
C TRP A 84 43.47 2.94 6.59
N TYR A 85 42.27 3.37 6.98
CA TYR A 85 41.05 2.90 6.33
C TYR A 85 40.13 4.06 5.94
N ARG A 86 39.24 3.79 4.99
CA ARG A 86 38.37 4.84 4.46
C ARG A 86 37.05 4.88 5.21
N VAL A 87 36.72 6.06 5.74
CA VAL A 87 35.58 6.25 6.61
C VAL A 87 34.60 7.27 6.00
N ILE A 88 33.31 6.97 6.06
CA ILE A 88 32.32 7.86 5.50
C ILE A 88 31.10 7.95 6.41
N GLY A 89 30.72 9.16 6.81
CA GLY A 89 29.44 9.37 7.47
C GLY A 89 28.33 9.64 6.46
N LEU A 90 27.12 9.13 6.72
CA LEU A 90 25.98 9.40 5.86
C LEU A 90 24.64 9.38 6.60
N SER A 91 23.73 10.23 6.16
CA SER A 91 22.39 10.30 6.74
C SER A 91 21.33 9.80 5.76
N LEU A 96 24.02 12.84 1.17
CA LEU A 96 23.59 13.90 0.26
C LEU A 96 23.28 13.38 -1.15
N LYS A 97 22.18 12.65 -1.26
CA LYS A 97 21.63 12.18 -2.54
C LYS A 97 22.49 11.11 -3.25
N ILE A 98 23.35 10.43 -2.49
CA ILE A 98 24.19 9.35 -3.02
C ILE A 98 23.56 7.95 -2.82
N SER A 99 23.79 7.05 -3.77
CA SER A 99 23.29 5.68 -3.71
C SER A 99 23.97 4.84 -2.63
N PHE A 100 23.16 4.21 -1.77
CA PHE A 100 23.70 3.39 -0.68
C PHE A 100 24.41 2.10 -1.11
N PRO A 101 23.90 1.40 -2.14
CA PRO A 101 24.65 0.20 -2.48
C PRO A 101 26.06 0.54 -2.99
N GLU A 102 26.22 1.74 -3.52
CA GLU A 102 27.50 2.18 -4.09
C GLU A 102 28.50 2.62 -3.04
N VAL A 103 28.03 3.20 -1.94
CA VAL A 103 28.94 3.55 -0.86
C VAL A 103 29.51 2.28 -0.24
N VAL A 104 28.67 1.26 -0.12
CA VAL A 104 29.07 -0.05 0.43
C VAL A 104 30.16 -0.73 -0.42
N LYS A 105 30.17 -0.45 -1.73
CA LYS A 105 31.18 -0.98 -2.64
C LYS A 105 32.60 -0.63 -2.16
N SER A 106 32.77 0.65 -1.84
CA SER A 106 34.04 1.26 -1.47
C SER A 106 33.94 1.60 0.03
N CYS A 107 34.94 2.21 0.66
CA CYS A 107 34.76 2.72 2.05
C CYS A 107 34.62 1.68 3.18
N ASP A 108 35.76 1.24 3.69
CA ASP A 108 35.88 0.19 4.72
C ASP A 108 34.97 0.36 5.93
N ILE A 109 34.71 1.60 6.34
CA ILE A 109 33.88 1.87 7.51
C ILE A 109 32.77 2.86 7.15
N ILE A 110 31.55 2.56 7.59
CA ILE A 110 30.40 3.37 7.22
C ILE A 110 29.55 3.69 8.45
N ILE A 111 29.48 4.97 8.79
CA ILE A 111 28.64 5.40 9.90
C ILE A 111 27.34 5.93 9.33
N SER A 112 26.24 5.23 9.61
CA SER A 112 24.99 5.50 8.94
C SER A 112 23.88 5.61 9.97
N THR A 113 22.83 6.36 9.64
CA THR A 113 21.60 6.31 10.42
C THR A 113 21.09 4.89 10.34
N ALA A 114 20.37 4.46 11.36
CA ALA A 114 19.93 3.08 11.45
C ALA A 114 19.06 2.67 10.27
N GLN A 115 17.97 3.40 10.08
CA GLN A 115 16.95 3.02 9.11
C GLN A 115 17.50 2.95 7.69
N ILE A 116 18.53 3.75 7.42
CA ILE A 116 19.15 3.79 6.09
C ILE A 116 19.52 2.40 5.64
N LEU A 117 20.01 1.57 6.56
CA LEU A 117 20.31 0.21 6.18
C LEU A 117 19.02 -0.57 5.93
N GLU A 118 18.06 -0.46 6.85
CA GLU A 118 16.77 -1.16 6.76
C GLU A 118 16.16 -0.95 5.40
N ASN A 119 16.24 0.29 4.94
CA ASN A 119 15.68 0.66 3.65
C ASN A 119 16.27 -0.21 2.54
N SER A 120 17.57 -0.43 2.62
CA SER A 120 18.31 -1.17 1.59
C SER A 120 18.29 -2.70 1.74
N LEU A 121 17.88 -3.19 2.91
CA LEU A 121 17.64 -4.63 3.08
C LEU A 121 16.32 -5.07 2.47
N LEU A 122 15.53 -4.12 1.97
CA LEU A 122 14.33 -4.44 1.23
C LEU A 122 14.43 -4.00 -0.24
N GLY A 131 20.55 -3.49 -4.43
CA GLY A 131 20.31 -3.79 -3.03
C GLY A 131 21.51 -4.36 -2.32
N VAL A 132 21.50 -4.31 -0.99
CA VAL A 132 22.59 -4.82 -0.16
C VAL A 132 22.05 -5.73 0.94
N GLN A 133 22.88 -6.68 1.37
CA GLN A 133 22.49 -7.69 2.35
C GLN A 133 23.50 -7.70 3.51
N LEU A 134 23.15 -8.40 4.59
CA LEU A 134 24.02 -8.47 5.75
C LEU A 134 25.35 -9.16 5.44
N SER A 135 25.29 -10.20 4.62
CA SER A 135 26.45 -11.04 4.33
C SER A 135 27.69 -10.26 3.93
N ASP A 136 27.50 -9.11 3.29
CA ASP A 136 28.61 -8.27 2.88
C ASP A 136 29.34 -7.64 4.08
N PHE A 137 28.58 -7.17 5.06
CA PHE A 137 29.20 -6.53 6.22
C PHE A 137 29.85 -7.55 7.15
N SER A 138 30.99 -7.18 7.70
CA SER A 138 31.77 -8.03 8.59
C SER A 138 31.40 -7.88 10.06
N LEU A 139 31.28 -6.63 10.51
CA LEU A 139 30.98 -6.34 11.90
C LEU A 139 29.90 -5.25 11.99
N ILE A 140 29.08 -5.32 13.03
CA ILE A 140 28.02 -4.32 13.23
C ILE A 140 28.18 -3.62 14.58
N ILE A 141 28.20 -2.29 14.56
CA ILE A 141 28.36 -1.50 15.77
C ILE A 141 27.12 -0.66 16.02
N ILE A 142 26.66 -0.66 17.28
CA ILE A 142 25.33 -0.19 17.63
C ILE A 142 25.33 0.80 18.81
N ASP A 143 24.95 2.03 18.55
CA ASP A 143 24.88 3.06 19.60
C ASP A 143 23.58 2.88 20.39
N GLU A 144 23.62 2.94 21.71
CA GLU A 144 22.40 2.76 22.50
C GLU A 144 21.62 1.51 22.07
N CYS A 145 22.15 0.34 22.39
CA CYS A 145 21.47 -0.94 22.13
C CYS A 145 20.10 -1.10 22.73
N HIS A 146 19.84 -0.40 23.81
CA HIS A 146 18.60 -0.58 24.56
C HIS A 146 17.34 -0.26 23.76
N HIS A 147 17.49 0.44 22.64
CA HIS A 147 16.37 0.68 21.74
C HIS A 147 15.95 -0.61 21.00
N THR A 148 16.79 -1.63 21.08
CA THR A 148 16.60 -2.85 20.31
C THR A 148 15.43 -3.58 20.91
N ASN A 149 14.40 -3.80 20.10
CA ASN A 149 13.21 -4.45 20.58
C ASN A 149 12.44 -4.88 19.38
N LYS A 150 11.36 -5.61 19.61
CA LYS A 150 10.49 -6.01 18.52
C LYS A 150 9.93 -4.80 17.81
N GLU A 151 9.67 -3.78 18.61
CA GLU A 151 8.93 -2.63 18.13
C GLU A 151 9.61 -1.64 17.20
N ALA A 152 10.93 -1.64 17.13
CA ALA A 152 11.56 -0.50 16.48
C ALA A 152 12.97 -0.62 16.00
N VAL A 153 13.29 0.31 15.11
CA VAL A 153 14.64 0.54 14.70
C VAL A 153 15.38 0.99 15.96
N TYR A 154 16.54 0.44 16.33
CA TYR A 154 17.19 -0.72 15.70
C TYR A 154 17.20 -2.01 16.55
N ASN A 155 16.56 -3.09 16.11
CA ASN A 155 15.84 -3.09 14.86
C ASN A 155 15.17 -4.38 14.50
N ASN A 156 14.38 -4.24 13.45
CA ASN A 156 13.91 -5.33 12.63
C ASN A 156 15.13 -6.04 12.05
N ILE A 157 16.12 -5.23 11.63
CA ILE A 157 17.41 -5.70 11.11
C ILE A 157 18.07 -6.79 11.92
N MET A 158 17.95 -6.74 13.24
CA MET A 158 18.52 -7.80 14.06
C MET A 158 17.75 -9.10 13.94
N ARG A 159 16.46 -9.02 13.66
CA ARG A 159 15.69 -10.22 13.40
C ARG A 159 16.03 -10.77 12.01
N HIS A 160 16.48 -9.92 11.08
CA HIS A 160 16.91 -10.41 9.76
C HIS A 160 18.20 -11.21 9.91
N TYR A 161 19.10 -10.72 10.76
CA TYR A 161 20.35 -11.41 11.07
C TYR A 161 20.08 -12.78 11.67
N LEU A 162 19.16 -12.82 12.63
CA LEU A 162 18.84 -14.03 13.37
C LEU A 162 18.08 -15.03 12.49
N MET A 163 17.24 -14.52 11.60
CA MET A 163 16.48 -15.37 10.71
C MET A 163 17.46 -16.05 9.77
N GLN A 164 18.43 -15.28 9.30
CA GLN A 164 19.50 -15.80 8.47
C GLN A 164 20.34 -16.82 9.23
N LYS A 165 20.57 -16.55 10.52
CA LYS A 165 21.33 -17.45 11.37
C LYS A 165 20.69 -18.85 11.49
N LEU A 166 19.38 -18.91 11.66
CA LEU A 166 18.72 -20.21 11.80
C LEU A 166 18.89 -20.99 10.50
N LYS A 167 18.92 -20.29 9.37
CA LYS A 167 19.18 -20.91 8.08
C LYS A 167 20.48 -21.70 8.15
N ASN A 168 21.48 -21.12 8.80
CA ASN A 168 22.78 -21.79 8.97
C ASN A 168 22.71 -23.00 9.92
N ASN A 169 21.85 -22.94 10.91
CA ASN A 169 21.66 -24.07 11.83
C ASN A 169 21.12 -25.28 11.09
N ARG A 170 20.29 -25.06 10.08
CA ARG A 170 19.77 -26.15 9.28
C ARG A 170 20.84 -26.70 8.31
N LEU A 171 21.67 -25.83 7.74
CA LEU A 171 22.69 -26.26 6.77
C LEU A 171 23.72 -27.21 7.39
N LYS A 172 24.10 -26.94 8.63
CA LYS A 172 25.05 -27.79 9.32
C LYS A 172 24.55 -29.23 9.42
N LYS A 173 23.24 -29.41 9.64
CA LYS A 173 22.65 -30.74 9.76
C LYS A 173 22.50 -31.44 8.41
N VAL A 178 27.82 -22.66 3.68
CA VAL A 178 27.43 -21.77 4.76
C VAL A 178 27.55 -20.30 4.37
N ILE A 179 26.53 -19.52 4.70
CA ILE A 179 26.54 -18.08 4.44
C ILE A 179 27.17 -17.33 5.62
N PRO A 180 28.14 -16.44 5.35
CA PRO A 180 28.83 -15.77 6.47
C PRO A 180 27.98 -14.73 7.19
N LEU A 181 28.05 -14.71 8.52
CA LEU A 181 27.31 -13.75 9.33
C LEU A 181 28.28 -12.85 10.07
N PRO A 182 27.97 -11.55 10.18
CA PRO A 182 28.89 -10.64 10.85
C PRO A 182 29.03 -10.85 12.36
N GLN A 183 30.06 -10.25 12.97
CA GLN A 183 30.18 -10.17 14.42
C GLN A 183 29.31 -8.97 14.80
N ILE A 184 28.59 -9.06 15.90
CA ILE A 184 27.81 -7.93 16.41
C ILE A 184 28.38 -7.42 17.73
N LEU A 185 28.86 -6.17 17.70
CA LEU A 185 29.30 -5.50 18.92
C LEU A 185 28.30 -4.41 19.25
N GLY A 186 27.52 -4.64 20.30
CA GLY A 186 26.59 -3.65 20.81
C GLY A 186 27.23 -2.77 21.87
N LEU A 187 26.78 -1.53 21.98
CA LEU A 187 27.23 -0.61 23.02
C LEU A 187 26.05 0.09 23.66
N THR A 188 25.82 -0.11 24.95
CA THR A 188 24.76 0.65 25.64
C THR A 188 25.09 0.94 27.09
N ALA A 189 24.80 2.16 27.51
CA ALA A 189 24.69 2.45 28.91
C ALA A 189 23.28 3.01 29.09
N SER A 190 22.38 2.27 29.72
CA SER A 190 22.55 0.86 30.03
C SER A 190 21.19 0.19 29.83
N PRO A 191 21.17 -1.14 29.63
CA PRO A 191 19.95 -1.82 29.17
C PRO A 191 18.68 -1.50 29.94
N GLY A 192 18.75 -1.54 31.27
CA GLY A 192 17.62 -1.14 32.10
C GLY A 192 16.49 -2.15 32.09
N VAL A 193 15.53 -1.92 32.97
CA VAL A 193 14.36 -2.80 33.07
C VAL A 193 13.14 -1.97 32.66
N GLY A 194 12.48 -2.34 31.57
CA GLY A 194 11.32 -1.59 31.14
C GLY A 194 10.11 -1.92 31.99
N GLY A 195 9.59 -0.93 32.70
CA GLY A 195 8.29 -1.02 33.35
C GLY A 195 8.03 -2.20 34.26
N ALA A 196 9.07 -2.88 34.74
CA ALA A 196 8.87 -4.07 35.56
C ALA A 196 9.47 -3.91 36.94
N THR A 197 8.62 -4.01 37.95
CA THR A 197 9.02 -3.84 39.33
C THR A 197 9.74 -5.06 39.91
N LYS A 198 9.31 -6.26 39.54
CA LYS A 198 9.91 -7.47 40.11
C LYS A 198 11.36 -7.65 39.70
N GLN A 199 12.11 -8.38 40.51
CA GLN A 199 13.48 -8.73 40.17
C GLN A 199 13.48 -9.83 39.11
N ALA A 200 12.47 -10.71 39.16
CA ALA A 200 12.39 -11.82 38.22
C ALA A 200 12.13 -11.33 36.79
N LYS A 201 11.13 -10.48 36.61
CA LYS A 201 10.80 -9.98 35.29
C LYS A 201 11.91 -9.08 34.71
N ALA A 202 12.63 -8.40 35.58
CA ALA A 202 13.70 -7.53 35.12
C ALA A 202 14.76 -8.32 34.36
N GLU A 203 15.10 -9.50 34.86
CA GLU A 203 16.07 -10.35 34.18
C GLU A 203 15.57 -10.76 32.81
N GLU A 204 14.28 -11.03 32.71
CA GLU A 204 13.68 -11.47 31.46
C GLU A 204 13.90 -10.48 30.33
N HIS A 205 13.98 -9.19 30.66
CA HIS A 205 14.24 -8.17 29.66
C HIS A 205 15.69 -8.23 29.17
N ILE A 206 16.62 -8.53 30.07
CA ILE A 206 18.03 -8.54 29.73
C ILE A 206 18.37 -9.76 28.90
N LEU A 207 17.73 -10.89 29.18
CA LEU A 207 17.90 -12.06 28.33
C LEU A 207 17.33 -11.78 26.95
N LYS A 208 16.28 -10.98 26.90
CA LYS A 208 15.70 -10.56 25.63
C LYS A 208 16.65 -9.65 24.86
N LEU A 209 17.36 -8.78 25.58
CA LEU A 209 18.26 -7.85 24.90
C LEU A 209 19.46 -8.59 24.32
N CYS A 210 19.96 -9.59 25.04
CA CYS A 210 21.01 -10.45 24.51
C CYS A 210 20.49 -11.27 23.35
N ALA A 211 19.24 -11.73 23.46
CA ALA A 211 18.66 -12.59 22.45
C ALA A 211 18.52 -11.84 21.13
N ASN A 212 18.01 -10.63 21.19
CA ASN A 212 17.84 -9.84 19.96
C ASN A 212 19.17 -9.45 19.31
N LEU A 213 20.21 -9.25 20.12
CA LEU A 213 21.53 -8.90 19.59
C LEU A 213 22.43 -10.11 19.35
N ASP A 214 21.95 -11.30 19.73
CA ASP A 214 22.70 -12.55 19.56
C ASP A 214 24.05 -12.46 20.25
N ALA A 215 24.13 -11.64 21.29
CA ALA A 215 25.37 -11.46 22.02
C ALA A 215 25.55 -12.56 23.04
N PHE A 216 26.80 -12.95 23.27
CA PHE A 216 27.10 -14.04 24.18
C PHE A 216 26.91 -13.64 25.64
N THR A 217 27.47 -12.49 26.02
CA THR A 217 27.34 -11.98 27.39
C THR A 217 27.31 -10.46 27.42
N ILE A 218 26.80 -9.90 28.52
CA ILE A 218 26.76 -8.45 28.66
C ILE A 218 28.17 -7.89 28.86
N LYS A 219 29.05 -8.63 29.50
CA LYS A 219 30.44 -8.21 29.67
C LYS A 219 30.59 -6.79 30.26
N THR A 220 30.30 -6.67 31.55
CA THR A 220 30.52 -5.42 32.28
C THR A 220 31.99 -5.31 32.71
N VAL A 221 32.30 -4.26 33.47
CA VAL A 221 33.65 -4.06 34.02
C VAL A 221 33.68 -4.54 35.48
N LYS A 222 34.50 -5.56 35.75
CA LYS A 222 34.59 -6.18 37.07
C LYS A 222 36.00 -6.12 37.66
N GLU A 223 36.92 -6.77 36.98
CA GLU A 223 38.31 -6.84 37.41
C GLU A 223 38.96 -5.47 37.69
N ASN A 224 38.73 -4.52 36.79
CA ASN A 224 39.34 -3.19 36.86
C ASN A 224 38.48 -2.13 37.54
N LEU A 225 37.37 -2.56 38.17
CA LEU A 225 36.33 -1.66 38.68
C LEU A 225 36.86 -0.44 39.45
N ASP A 226 37.92 -0.62 40.25
CA ASP A 226 38.47 0.50 41.00
C ASP A 226 39.06 1.58 40.08
N GLN A 227 39.82 1.16 39.07
CA GLN A 227 40.46 2.10 38.13
C GLN A 227 39.44 3.09 37.64
N LEU A 228 38.29 2.55 37.24
CA LEU A 228 37.21 3.36 36.72
C LEU A 228 36.70 4.31 37.80
N LYS A 229 36.28 3.74 38.93
CA LYS A 229 35.59 4.51 39.96
C LYS A 229 36.32 5.80 40.32
N ASN A 230 37.65 5.74 40.34
CA ASN A 230 38.45 6.92 40.65
C ASN A 230 38.47 7.90 39.49
N GLN A 231 38.44 7.35 38.27
CA GLN A 231 38.42 8.16 37.06
C GLN A 231 37.10 8.90 36.82
N ILE A 232 35.99 8.20 36.99
CA ILE A 232 34.67 8.76 36.70
C ILE A 232 33.76 8.72 37.93
N GLN A 233 33.32 9.90 38.38
CA GLN A 233 32.56 10.03 39.63
C GLN A 233 31.11 10.41 39.37
N GLU A 234 30.21 9.91 40.23
CA GLU A 234 28.78 10.18 40.11
C GLU A 234 28.38 11.50 40.80
N PRO A 235 27.27 12.11 40.36
CA PRO A 235 26.74 13.31 41.04
C PRO A 235 25.98 12.94 42.30
N CYS A 236 26.01 13.77 43.34
CA CYS A 236 25.20 13.49 44.53
C CYS A 236 23.77 13.99 44.33
N LYS A 237 22.80 13.08 44.41
CA LYS A 237 21.42 13.44 44.12
C LYS A 237 20.87 14.36 45.20
N LYS A 238 20.34 15.48 44.77
CA LYS A 238 19.80 16.51 45.65
C LYS A 238 18.31 16.66 45.49
N PHE A 239 17.67 17.31 46.47
CA PHE A 239 16.22 17.47 46.46
C PHE A 239 15.76 18.86 46.88
N ALA A 240 14.88 19.43 46.06
CA ALA A 240 14.26 20.70 46.32
C ALA A 240 12.77 20.48 46.16
N ILE A 241 11.96 21.06 47.04
CA ILE A 241 10.53 20.83 47.02
C ILE A 241 9.77 22.07 47.47
N ALA A 242 8.56 22.24 46.93
CA ALA A 242 7.68 23.31 47.36
C ALA A 242 6.27 22.77 47.50
N ASP A 243 5.45 23.46 48.28
CA ASP A 243 4.07 23.05 48.52
C ASP A 243 3.15 24.27 48.46
N PRO A 249 -5.61 33.19 43.42
CA PRO A 249 -5.75 34.56 42.92
C PRO A 249 -5.99 34.61 41.42
N PHE A 250 -4.97 34.27 40.63
CA PHE A 250 -5.15 34.09 39.20
C PHE A 250 -6.02 32.85 38.96
N LYS A 251 -5.72 31.79 39.71
CA LYS A 251 -6.44 30.52 39.56
C LYS A 251 -7.92 30.70 39.86
N GLU A 252 -8.25 31.22 41.03
CA GLU A 252 -9.66 31.40 41.41
C GLU A 252 -10.38 32.33 40.45
N LYS A 253 -9.67 33.29 39.88
CA LYS A 253 -10.24 34.15 38.85
C LYS A 253 -10.62 33.34 37.62
N LEU A 254 -9.76 32.39 37.26
CA LEU A 254 -9.91 31.66 36.00
C LEU A 254 -10.97 30.58 36.14
N LEU A 255 -11.00 29.91 37.28
CA LEU A 255 -11.96 28.84 37.50
C LEU A 255 -13.35 29.43 37.45
N GLU A 256 -13.50 30.64 37.97
CA GLU A 256 -14.78 31.34 37.93
C GLU A 256 -15.27 31.45 36.49
N ILE A 257 -14.35 31.73 35.58
CA ILE A 257 -14.73 31.90 34.19
C ILE A 257 -15.21 30.56 33.62
N MET A 258 -14.47 29.49 33.90
CA MET A 258 -14.79 28.19 33.33
C MET A 258 -16.14 27.68 33.81
N THR A 259 -16.42 27.81 35.11
CA THR A 259 -17.71 27.40 35.67
C THR A 259 -18.90 28.07 34.98
N ARG A 260 -18.77 29.36 34.71
CA ARG A 260 -19.85 30.09 34.05
C ARG A 260 -20.01 29.59 32.62
N ILE A 261 -18.90 29.26 31.98
CA ILE A 261 -18.95 28.66 30.66
C ILE A 261 -19.62 27.29 30.74
N GLN A 262 -19.38 26.56 31.82
CA GLN A 262 -19.99 25.23 31.98
C GLN A 262 -21.50 25.27 32.09
N THR A 263 -22.04 26.20 32.88
CA THR A 263 -23.49 26.35 33.00
C THR A 263 -24.14 26.84 31.68
N TYR A 264 -23.38 27.60 30.90
CA TYR A 264 -23.84 28.06 29.58
C TYR A 264 -24.23 26.86 28.70
N CYS A 265 -23.40 25.83 28.70
CA CYS A 265 -23.65 24.60 27.94
C CYS A 265 -24.35 23.51 28.74
N GLN A 266 -24.56 23.75 30.03
CA GLN A 266 -25.11 22.73 30.92
C GLN A 266 -24.22 21.48 30.91
N MET A 267 -22.92 21.71 31.08
CA MET A 267 -21.93 20.64 31.09
C MET A 267 -21.32 20.48 32.47
N SER A 268 -21.46 19.29 33.06
CA SER A 268 -20.85 18.99 34.35
C SER A 268 -19.81 17.87 34.24
N PRO A 269 -18.51 18.19 34.35
CA PRO A 269 -17.47 17.17 34.18
C PRO A 269 -17.35 16.17 35.33
N MET A 270 -17.57 16.64 36.56
CA MET A 270 -17.42 15.82 37.77
C MET A 270 -15.96 15.69 38.24
N SER A 271 -15.00 16.10 37.41
CA SER A 271 -13.57 16.06 37.78
C SER A 271 -13.06 17.48 38.01
N ASP A 272 -12.13 17.67 38.94
CA ASP A 272 -11.63 19.03 39.23
C ASP A 272 -10.91 19.67 38.05
N PHE A 273 -10.88 21.00 38.07
CA PHE A 273 -10.32 21.81 36.99
C PHE A 273 -8.81 21.90 37.13
N GLY A 274 -8.12 22.17 36.03
CA GLY A 274 -6.70 22.41 36.06
C GLY A 274 -5.88 21.14 36.12
N THR A 275 -6.46 20.02 35.69
CA THR A 275 -5.78 18.74 35.78
C THR A 275 -6.06 17.85 34.57
N GLN A 276 -5.28 16.79 34.44
CA GLN A 276 -5.32 15.90 33.28
C GLN A 276 -6.62 15.10 33.08
N PRO A 277 -7.13 14.43 34.13
CA PRO A 277 -8.35 13.65 33.87
C PRO A 277 -9.50 14.51 33.37
N TYR A 278 -9.56 15.75 33.86
CA TYR A 278 -10.52 16.73 33.38
C TYR A 278 -10.17 17.21 31.97
N GLU A 279 -8.89 17.31 31.67
CA GLU A 279 -8.44 17.70 30.34
C GLU A 279 -8.90 16.67 29.32
N GLN A 280 -8.72 15.40 29.64
CA GLN A 280 -9.09 14.32 28.74
C GLN A 280 -10.60 14.24 28.52
N TRP A 281 -11.36 14.62 29.54
CA TRP A 281 -12.81 14.65 29.42
C TRP A 281 -13.28 15.74 28.46
N ALA A 282 -12.59 16.88 28.48
CA ALA A 282 -12.89 17.99 27.57
C ALA A 282 -12.61 17.63 26.10
N ILE A 283 -11.62 16.76 25.87
CA ILE A 283 -11.30 16.31 24.52
C ILE A 283 -12.39 15.40 24.02
N GLN A 284 -12.71 14.38 24.82
CA GLN A 284 -13.74 13.42 24.46
C GLN A 284 -15.08 14.12 24.22
N MET A 285 -15.34 15.21 24.92
CA MET A 285 -16.60 15.93 24.76
C MET A 285 -16.66 16.65 23.42
N GLU A 286 -15.54 17.23 23.01
CA GLU A 286 -15.45 17.92 21.73
C GLU A 286 -15.57 16.93 20.56
N LYS A 287 -14.98 15.75 20.69
CA LYS A 287 -15.04 14.73 19.64
C LYS A 287 -16.50 14.38 19.35
N LYS A 288 -17.24 14.08 20.41
CA LYS A 288 -18.63 13.64 20.28
C LYS A 288 -19.52 14.78 19.82
N ALA A 289 -19.14 15.99 20.19
CA ALA A 289 -19.89 17.18 19.81
C ALA A 289 -19.77 17.48 18.31
N ALA A 290 -18.63 17.16 17.71
CA ALA A 290 -18.46 17.29 16.27
C ALA A 290 -19.40 16.33 15.57
N LYS A 291 -19.53 15.14 16.12
CA LYS A 291 -20.39 14.13 15.52
C LYS A 291 -21.87 14.50 15.55
N GLU A 292 -22.39 14.98 16.68
CA GLU A 292 -23.80 15.38 16.74
C GLU A 292 -23.97 16.74 16.07
N GLY A 293 -22.86 17.42 15.81
CA GLY A 293 -22.90 18.63 15.01
C GLY A 293 -23.54 19.76 15.79
N ASN A 294 -23.50 19.67 17.12
CA ASN A 294 -24.05 20.74 17.94
C ASN A 294 -22.96 21.75 18.26
N ARG A 295 -23.12 22.93 17.69
CA ARG A 295 -22.22 24.01 18.04
C ARG A 295 -22.65 24.48 19.43
N LYS A 296 -21.73 25.20 20.08
CA LYS A 296 -21.73 25.61 21.49
C LYS A 296 -21.27 24.52 22.42
N GLU A 297 -21.46 23.26 22.04
CA GLU A 297 -20.96 22.20 22.87
C GLU A 297 -19.52 21.90 22.56
N ARG A 298 -19.18 21.90 21.26
CA ARG A 298 -17.81 21.64 20.89
C ARG A 298 -16.94 22.87 21.04
N VAL A 299 -17.39 24.01 20.51
CA VAL A 299 -16.53 25.19 20.47
C VAL A 299 -16.13 25.56 21.88
N CYS A 300 -17.08 25.49 22.80
CA CYS A 300 -16.78 25.80 24.18
C CYS A 300 -15.70 24.84 24.71
N ALA A 301 -15.85 23.56 24.40
CA ALA A 301 -14.90 22.52 24.84
C ALA A 301 -13.49 22.78 24.33
N GLU A 302 -13.38 23.29 23.10
CA GLU A 302 -12.08 23.65 22.54
C GLU A 302 -11.53 24.83 23.34
N HIS A 303 -12.40 25.81 23.64
CA HIS A 303 -12.01 26.96 24.45
C HIS A 303 -11.67 26.52 25.87
N LEU A 304 -12.37 25.50 26.38
CA LEU A 304 -12.14 25.01 27.73
C LEU A 304 -10.78 24.35 27.78
N ARG A 305 -10.45 23.59 26.73
CA ARG A 305 -9.13 22.96 26.65
C ARG A 305 -8.06 24.04 26.78
N LYS A 306 -8.29 25.18 26.11
CA LYS A 306 -7.37 26.31 26.15
C LYS A 306 -7.21 26.92 27.55
N TYR A 307 -8.34 27.16 28.23
CA TYR A 307 -8.31 27.69 29.60
C TYR A 307 -7.58 26.71 30.50
N ASN A 308 -8.02 25.47 30.48
CA ASN A 308 -7.43 24.43 31.32
C ASN A 308 -5.93 24.36 31.11
N GLU A 309 -5.48 24.55 29.87
CA GLU A 309 -4.05 24.59 29.61
C GLU A 309 -3.36 25.71 30.38
N ALA A 310 -4.03 26.85 30.52
CA ALA A 310 -3.46 27.96 31.27
C ALA A 310 -3.31 27.64 32.76
N LEU A 311 -4.26 26.90 33.30
CA LEU A 311 -4.24 26.55 34.72
C LEU A 311 -3.10 25.60 35.01
N GLN A 312 -3.01 24.55 34.20
CA GLN A 312 -1.99 23.53 34.37
C GLN A 312 -0.58 24.08 34.13
N ILE A 313 -0.40 25.01 33.20
CA ILE A 313 0.92 25.61 33.02
C ILE A 313 1.22 26.64 34.12
N ASN A 314 0.20 27.36 34.57
CA ASN A 314 0.36 28.33 35.65
C ASN A 314 0.94 27.70 36.93
N ASP A 315 0.64 26.42 37.15
CA ASP A 315 1.20 25.71 38.31
C ASP A 315 2.69 25.56 38.15
N THR A 316 3.09 25.13 36.95
CA THR A 316 4.49 24.82 36.65
C THR A 316 5.31 25.97 36.00
N ILE A 317 4.67 27.08 35.61
CA ILE A 317 5.34 28.14 34.85
C ILE A 317 4.84 29.52 35.29
N ARG A 318 5.60 30.57 34.98
CA ARG A 318 5.27 31.94 35.38
C ARG A 318 3.87 32.36 34.92
N MET A 319 3.15 33.10 35.77
CA MET A 319 1.76 33.44 35.51
C MET A 319 1.54 34.26 34.23
N ILE A 320 2.59 34.94 33.76
CA ILE A 320 2.52 35.74 32.54
C ILE A 320 2.28 34.86 31.32
N ASP A 321 2.84 33.65 31.35
CA ASP A 321 2.68 32.68 30.26
C ASP A 321 1.28 32.09 30.27
N ALA A 322 0.69 31.94 31.44
CA ALA A 322 -0.70 31.47 31.58
C ALA A 322 -1.62 32.43 30.83
N TYR A 323 -1.40 33.71 31.03
CA TYR A 323 -2.17 34.74 30.36
C TYR A 323 -1.85 34.79 28.86
N THR A 324 -0.57 34.79 28.53
CA THR A 324 -0.13 34.90 27.14
C THR A 324 -0.65 33.75 26.27
N HIS A 325 -0.80 32.57 26.86
CA HIS A 325 -1.31 31.43 26.12
C HIS A 325 -2.74 31.69 25.69
N LEU A 326 -3.51 32.32 26.54
CA LEU A 326 -4.90 32.61 26.22
C LEU A 326 -5.06 33.83 25.32
N GLU A 327 -4.21 34.84 25.52
CA GLU A 327 -4.28 36.04 24.68
C GLU A 327 -4.09 35.70 23.22
N THR A 328 -3.01 34.99 22.92
CA THR A 328 -2.67 34.68 21.53
C THR A 328 -3.74 33.79 20.92
N PHE A 329 -4.34 32.92 21.72
CA PHE A 329 -5.43 32.08 21.26
C PHE A 329 -6.58 32.97 20.78
N TYR A 330 -7.02 33.89 21.62
CA TYR A 330 -8.16 34.74 21.28
C TYR A 330 -7.84 35.72 20.15
N ASN A 331 -6.63 36.27 20.16
CA ASN A 331 -6.20 37.19 19.11
C ASN A 331 -6.20 36.51 17.74
N GLU A 332 -5.85 35.22 17.73
CA GLU A 332 -5.94 34.42 16.51
C GLU A 332 -7.39 34.11 16.13
N GLU A 333 -8.27 34.04 17.12
CA GLU A 333 -9.70 33.84 16.86
C GLU A 333 -10.41 35.06 16.25
N LYS A 334 -9.91 36.26 16.49
CA LYS A 334 -10.49 37.42 15.82
C LYS A 334 -10.19 37.35 14.32
N ASP A 335 -8.97 36.99 13.95
CA ASP A 335 -8.60 36.91 12.55
C ASP A 335 -9.29 35.76 11.84
N LYS A 336 -9.37 34.61 12.50
CA LYS A 336 -10.05 33.47 11.91
C LYS A 336 -11.50 33.88 11.62
N LYS A 337 -12.16 34.52 12.58
CA LYS A 337 -13.55 34.92 12.39
C LYS A 337 -13.67 36.07 11.39
N PHE A 338 -12.70 36.98 11.42
CA PHE A 338 -12.70 38.13 10.50
C PHE A 338 -11.34 38.79 10.38
N LEU A 351 -21.54 37.08 13.25
CA LEU A 351 -20.94 36.24 14.28
C LEU A 351 -22.02 35.54 15.11
N ASP A 352 -21.86 34.23 15.27
CA ASP A 352 -22.83 33.42 16.00
C ASP A 352 -22.77 33.71 17.51
N GLU A 353 -23.86 33.36 18.19
CA GLU A 353 -24.05 33.62 19.62
C GLU A 353 -22.99 33.01 20.55
N THR A 354 -22.28 31.97 20.10
CA THR A 354 -21.36 31.27 20.98
C THR A 354 -20.03 32.02 21.09
N ASP A 355 -19.48 32.41 19.95
CA ASP A 355 -18.17 33.09 19.94
C ASP A 355 -18.26 34.46 20.60
N ARG A 356 -19.43 35.08 20.51
CA ARG A 356 -19.67 36.37 21.14
C ARG A 356 -19.72 36.23 22.67
N PHE A 357 -20.40 35.19 23.17
CA PHE A 357 -20.42 34.92 24.61
C PHE A 357 -19.01 34.69 25.16
N LEU A 358 -18.18 33.99 24.40
CA LEU A 358 -16.81 33.69 24.81
C LEU A 358 -15.81 34.85 24.64
N MET A 359 -15.85 35.55 23.51
CA MET A 359 -14.89 36.63 23.26
C MET A 359 -15.19 37.76 24.22
N THR A 360 -16.47 38.11 24.35
CA THR A 360 -16.88 39.20 25.22
C THR A 360 -16.49 38.87 26.66
N LEU A 361 -16.61 37.60 27.02
CA LEU A 361 -16.27 37.15 28.36
C LEU A 361 -14.78 37.25 28.66
N PHE A 362 -13.94 36.92 27.68
CA PHE A 362 -12.49 37.04 27.86
C PHE A 362 -11.95 38.46 27.73
N PHE A 363 -12.37 39.18 26.68
CA PHE A 363 -11.80 40.48 26.35
C PHE A 363 -12.15 41.59 27.35
N GLU A 364 -13.25 41.42 28.08
CA GLU A 364 -13.53 42.32 29.20
C GLU A 364 -12.60 42.01 30.37
N ASN A 365 -12.33 40.73 30.58
CA ASN A 365 -11.46 40.27 31.65
C ASN A 365 -9.97 40.29 31.27
N ASN A 366 -9.68 40.62 30.02
CA ASN A 366 -8.31 40.62 29.52
C ASN A 366 -7.42 41.58 30.32
N LYS A 367 -7.91 42.78 30.57
CA LYS A 367 -7.14 43.76 31.32
C LYS A 367 -6.86 43.26 32.73
N MET A 368 -7.87 42.65 33.35
CA MET A 368 -7.75 42.15 34.72
C MET A 368 -6.65 41.11 34.85
N LEU A 369 -6.67 40.09 33.99
CA LEU A 369 -5.73 38.98 34.10
C LEU A 369 -4.28 39.41 33.91
N LYS A 370 -4.03 40.30 32.95
CA LYS A 370 -2.68 40.81 32.70
C LYS A 370 -2.15 41.56 33.91
N ARG A 371 -3.06 42.23 34.64
CA ARG A 371 -2.71 42.91 35.88
C ARG A 371 -2.26 41.94 36.97
N LEU A 372 -3.03 40.87 37.16
CA LEU A 372 -2.68 39.82 38.14
C LEU A 372 -1.40 39.07 37.77
N ALA A 373 -1.13 38.96 36.47
CA ALA A 373 0.02 38.22 35.95
C ALA A 373 1.38 38.78 36.38
N GLU A 374 1.50 40.10 36.43
CA GLU A 374 2.79 40.75 36.64
C GLU A 374 3.14 41.07 38.12
N ASN A 375 2.31 40.62 39.06
CA ASN A 375 2.64 40.79 40.48
C ASN A 375 3.00 39.45 41.14
N PRO A 376 4.20 39.36 41.77
CA PRO A 376 4.53 38.07 42.41
C PRO A 376 3.64 37.75 43.59
N GLU A 381 5.24 29.44 47.01
CA GLU A 381 4.77 28.18 46.44
C GLU A 381 5.29 28.00 44.99
N LYS A 382 4.39 27.95 44.00
CA LYS A 382 4.80 27.69 42.63
C LYS A 382 5.58 28.86 42.02
N LEU A 383 5.21 30.09 42.38
CA LEU A 383 5.87 31.26 41.82
C LEU A 383 7.37 31.24 42.08
N THR A 384 7.76 31.02 43.33
CA THR A 384 9.16 30.81 43.64
C THR A 384 9.47 29.31 43.57
N LYS A 385 10.25 28.93 42.57
CA LYS A 385 10.69 27.56 42.45
C LYS A 385 12.11 27.58 41.91
N LEU A 386 13.03 26.86 42.54
CA LEU A 386 14.37 26.65 41.98
C LEU A 386 15.24 27.91 41.77
N ARG A 387 14.68 29.10 41.98
CA ARG A 387 15.40 30.34 41.68
C ARG A 387 16.69 30.38 42.49
N ASN A 388 16.59 29.94 43.73
CA ASN A 388 17.75 29.79 44.59
C ASN A 388 18.68 28.70 44.06
N THR A 389 18.11 27.61 43.55
CA THR A 389 18.90 26.45 43.15
C THR A 389 20.08 26.77 42.24
N ILE A 390 19.90 27.55 41.19
CA ILE A 390 21.04 27.84 40.33
C ILE A 390 22.00 28.82 40.97
N MET A 391 21.46 29.80 41.70
CA MET A 391 22.27 30.83 42.32
C MET A 391 23.26 30.24 43.31
N GLU A 392 22.87 29.17 43.99
CA GLU A 392 23.77 28.53 44.93
C GLU A 392 24.97 27.93 44.17
N GLN A 393 24.71 27.45 42.96
CA GLN A 393 25.78 26.86 42.15
C GLN A 393 26.73 27.91 41.54
N TYR A 394 26.22 29.11 41.30
CA TYR A 394 27.04 30.20 40.75
C TYR A 394 28.04 30.76 41.78
N THR A 395 27.63 30.83 43.05
CA THR A 395 28.48 31.36 44.11
C THR A 395 29.65 30.44 44.50
N ARG A 396 29.40 29.13 44.52
CA ARG A 396 30.41 28.15 44.91
C ARG A 396 31.63 28.16 43.99
N THR A 397 31.38 28.07 42.69
CA THR A 397 32.43 27.96 41.68
C THR A 397 32.45 29.28 40.93
N GLU A 398 33.61 29.63 40.37
CA GLU A 398 33.81 30.95 39.78
C GLU A 398 32.64 31.36 38.90
N GLU A 399 32.43 30.60 37.83
CA GLU A 399 31.30 30.80 36.94
C GLU A 399 30.69 29.43 36.68
N SER A 400 29.36 29.32 36.74
CA SER A 400 28.76 28.02 36.54
C SER A 400 28.75 27.97 35.05
N ALA A 401 29.70 27.22 34.52
CA ALA A 401 30.01 27.31 33.11
C ALA A 401 29.01 26.44 32.39
N ARG A 402 28.63 25.35 33.05
CA ARG A 402 27.63 24.47 32.53
C ARG A 402 26.41 24.35 33.42
N GLY A 403 25.26 24.25 32.77
CA GLY A 403 24.01 23.97 33.44
C GLY A 403 23.07 23.34 32.45
N ILE A 404 22.21 22.45 32.95
CA ILE A 404 21.22 21.77 32.13
C ILE A 404 19.94 21.60 32.92
N ILE A 405 18.81 21.95 32.31
CA ILE A 405 17.50 21.82 32.92
C ILE A 405 16.72 20.79 32.10
N PHE A 406 15.77 20.10 32.73
CA PHE A 406 14.90 19.20 31.98
C PHE A 406 13.44 19.53 32.29
N THR A 407 12.61 19.66 31.26
CA THR A 407 11.19 19.97 31.47
C THR A 407 10.29 19.23 30.48
N LYS A 408 9.04 19.01 30.87
CA LYS A 408 8.12 18.21 30.06
C LYS A 408 7.83 18.84 28.70
N THR A 409 7.38 20.09 28.69
CA THR A 409 6.76 20.66 27.50
C THR A 409 7.67 21.68 26.81
N ARG A 410 7.46 21.85 25.52
CA ARG A 410 8.24 22.78 24.72
C ARG A 410 8.00 24.22 25.14
N GLN A 411 6.74 24.56 25.40
CA GLN A 411 6.42 25.89 25.86
C GLN A 411 7.21 26.22 27.12
N SER A 412 7.34 25.26 28.04
CA SER A 412 8.07 25.50 29.29
C SER A 412 9.53 25.85 29.03
N ALA A 413 10.13 25.25 28.00
CA ALA A 413 11.53 25.54 27.70
C ALA A 413 11.67 27.01 27.31
N TYR A 414 10.81 27.45 26.40
CA TYR A 414 10.85 28.82 25.91
C TYR A 414 10.42 29.82 26.99
N ALA A 415 9.50 29.43 27.85
CA ALA A 415 9.00 30.31 28.91
C ALA A 415 10.01 30.50 30.02
N LEU A 416 10.73 29.43 30.36
CA LEU A 416 11.77 29.49 31.38
C LEU A 416 12.94 30.30 30.89
N SER A 417 13.42 29.97 29.68
CA SER A 417 14.53 30.71 29.12
C SER A 417 14.22 32.20 29.16
N GLN A 418 13.04 32.59 28.66
CA GLN A 418 12.61 33.99 28.67
C GLN A 418 12.53 34.56 30.09
N TRP A 419 12.20 33.71 31.06
CA TRP A 419 12.24 34.10 32.47
C TRP A 419 13.66 34.33 32.98
N ILE A 420 14.61 33.55 32.47
CA ILE A 420 16.00 33.69 32.88
C ILE A 420 16.73 34.83 32.16
N THR A 421 16.35 35.14 30.93
CA THR A 421 16.96 36.28 30.23
C THR A 421 16.54 37.60 30.91
N GLU A 422 15.29 37.67 31.34
CA GLU A 422 14.82 38.77 32.15
C GLU A 422 15.35 38.48 33.55
N ASN A 423 14.94 39.25 34.54
CA ASN A 423 15.25 38.95 35.93
C ASN A 423 16.76 38.97 36.22
N GLU A 424 17.52 39.72 35.42
CA GLU A 424 18.90 40.05 35.74
C GLU A 424 18.75 41.08 36.84
N LYS A 425 19.68 41.20 37.79
CA LYS A 425 21.04 40.64 37.73
C LYS A 425 21.17 39.18 38.12
N PHE A 426 21.81 38.42 37.24
CA PHE A 426 22.46 37.18 37.66
C PHE A 426 23.97 37.35 37.77
N ALA A 427 24.72 37.63 36.69
CA ALA A 427 24.23 37.87 35.34
C ALA A 427 24.84 36.83 34.39
N ALA A 433 21.90 32.12 28.94
CA ALA A 433 20.78 31.20 29.08
C ALA A 433 20.00 31.06 27.77
N HIS A 434 19.81 29.82 27.31
CA HIS A 434 19.15 29.53 26.04
C HIS A 434 18.37 28.22 26.11
N HIS A 435 17.46 28.01 25.16
CA HIS A 435 16.63 26.80 25.14
C HIS A 435 16.96 25.92 23.94
N LEU A 436 16.80 24.61 24.12
CA LEU A 436 16.92 23.65 23.01
C LEU A 436 15.70 22.71 23.02
N ILE A 437 15.05 22.53 21.87
CA ILE A 437 13.90 21.60 21.72
C ILE A 437 13.99 20.75 20.46
N GLY A 438 13.13 19.73 20.37
CA GLY A 438 13.20 18.70 19.34
C GLY A 438 12.82 19.13 17.92
N ALA A 439 13.07 18.23 16.96
CA ALA A 439 12.78 18.49 15.55
C ALA A 439 11.39 18.07 15.06
N GLY A 440 10.66 17.27 15.85
CA GLY A 440 9.39 16.72 15.40
C GLY A 440 8.26 17.73 15.46
N HIS A 441 7.24 17.58 14.62
CA HIS A 441 6.19 18.59 14.51
C HIS A 441 4.83 18.14 15.07
N SER A 442 4.47 18.71 16.22
CA SER A 442 3.16 18.53 16.86
C SER A 442 2.90 19.63 17.91
N SER A 443 1.64 19.78 18.33
CA SER A 443 1.26 20.69 19.42
C SER A 443 1.10 22.17 19.03
N GLU A 444 1.34 22.48 17.77
CA GLU A 444 1.49 23.87 17.32
C GLU A 444 2.63 24.58 18.05
N PHE A 445 3.81 23.98 17.98
CA PHE A 445 5.05 24.68 18.27
C PHE A 445 5.92 24.40 17.06
N LYS A 446 7.01 25.14 16.93
CA LYS A 446 7.86 25.01 15.77
C LYS A 446 9.18 24.39 16.17
N PRO A 447 9.52 23.24 15.55
CA PRO A 447 10.80 22.57 15.85
C PRO A 447 12.02 23.38 15.42
N MET A 448 13.14 23.16 16.12
CA MET A 448 14.41 23.78 15.75
C MET A 448 15.06 23.00 14.63
N THR A 449 15.87 23.69 13.84
CA THR A 449 16.57 23.06 12.73
C THR A 449 17.66 22.18 13.32
N GLN A 450 18.05 21.14 12.61
CA GLN A 450 19.08 20.24 13.09
C GLN A 450 20.42 20.94 13.17
N ASN A 451 20.73 21.72 12.13
CA ASN A 451 21.89 22.59 12.15
C ASN A 451 21.80 23.63 13.26
N GLU A 452 20.60 24.14 13.52
CA GLU A 452 20.41 25.13 14.58
C GLU A 452 20.65 24.52 15.95
N GLN A 453 20.33 23.25 16.11
CA GLN A 453 20.68 22.55 17.33
C GLN A 453 22.21 22.45 17.42
N LYS A 454 22.85 22.03 16.32
CA LYS A 454 24.30 21.90 16.25
C LYS A 454 24.97 23.21 16.63
N GLU A 455 24.32 24.32 16.31
CA GLU A 455 24.80 25.64 16.67
C GLU A 455 24.78 25.84 18.18
N VAL A 456 23.70 25.44 18.84
CA VAL A 456 23.56 25.70 20.27
C VAL A 456 24.59 24.93 21.12
N ILE A 457 24.88 23.68 20.76
CA ILE A 457 25.87 22.90 21.50
C ILE A 457 27.26 23.49 21.27
N SER A 458 27.57 23.89 20.04
CA SER A 458 28.88 24.45 19.70
C SER A 458 29.06 25.81 20.39
N LYS A 459 27.96 26.52 20.58
CA LYS A 459 27.96 27.76 21.34
C LYS A 459 28.13 27.45 22.84
N PHE A 460 27.59 26.31 23.27
CA PHE A 460 27.72 25.86 24.65
C PHE A 460 29.14 25.42 24.99
N ARG A 461 29.85 24.86 24.02
CA ARG A 461 31.24 24.45 24.23
C ARG A 461 32.14 25.62 24.66
N THR A 462 31.80 26.83 24.25
CA THR A 462 32.55 28.02 24.67
C THR A 462 32.71 28.05 26.19
N ASN A 466 28.59 30.37 23.94
CA ASN A 466 28.32 31.55 24.73
C ASN A 466 27.34 31.28 25.89
N LEU A 467 26.63 30.16 25.84
CA LEU A 467 25.55 29.88 26.78
C LEU A 467 26.04 29.13 28.01
N LEU A 468 25.64 29.65 29.18
CA LEU A 468 25.99 29.04 30.46
C LEU A 468 25.05 27.89 30.78
N ILE A 469 23.77 28.07 30.50
CA ILE A 469 22.76 27.08 30.89
C ILE A 469 21.72 26.83 29.79
N ALA A 470 21.46 25.55 29.53
CA ALA A 470 20.53 25.13 28.48
C ALA A 470 19.33 24.41 29.10
N THR A 471 18.17 24.49 28.45
CA THR A 471 16.96 23.82 28.94
C THR A 471 16.38 22.89 27.88
N THR A 472 16.40 21.58 28.14
CA THR A 472 16.09 20.59 27.10
C THR A 472 15.29 19.37 27.58
N VAL A 473 14.50 18.82 26.66
CA VAL A 473 13.86 17.51 26.83
C VAL A 473 14.57 16.40 26.01
N ALA A 474 15.62 16.76 25.27
CA ALA A 474 16.27 15.85 24.33
C ALA A 474 17.07 14.73 25.00
N GLU A 475 17.79 15.04 26.07
CA GLU A 475 18.56 14.05 26.84
C GLU A 475 19.69 13.36 26.07
N GLU A 476 19.70 12.02 25.99
CA GLU A 476 20.89 11.26 25.56
C GLU A 476 21.35 11.55 24.13
N GLY A 477 22.65 11.40 23.88
CA GLY A 477 23.19 11.42 22.53
C GLY A 477 23.88 12.70 22.07
N LEU A 478 23.75 13.78 22.85
CA LEU A 478 24.43 15.04 22.57
C LEU A 478 25.49 15.32 23.64
N ASP A 479 26.70 15.73 23.22
CA ASP A 479 27.83 15.79 24.16
C ASP A 479 28.01 17.16 24.82
N ILE A 480 28.05 17.14 26.15
CA ILE A 480 28.38 18.32 26.95
C ILE A 480 29.35 17.91 28.06
N LYS A 481 30.34 18.76 28.32
CA LYS A 481 31.41 18.41 29.25
C LYS A 481 31.47 19.42 30.37
N GLU A 482 32.22 19.10 31.44
CA GLU A 482 32.35 20.00 32.59
C GLU A 482 31.00 20.34 33.19
N CYS A 483 30.06 19.41 33.16
CA CYS A 483 28.72 19.70 33.64
C CYS A 483 28.55 19.31 35.11
N ASN A 484 27.80 20.13 35.84
CA ASN A 484 27.62 19.94 37.27
C ASN A 484 26.15 19.88 37.70
N ILE A 485 25.41 20.96 37.48
CA ILE A 485 24.08 21.09 38.09
C ILE A 485 22.97 20.17 37.53
N VAL A 486 22.79 20.06 36.22
CA VAL A 486 21.84 19.10 35.65
C VAL A 486 20.52 18.90 36.44
N ILE A 487 19.67 19.92 36.52
CA ILE A 487 18.41 19.79 37.28
C ILE A 487 17.31 19.16 36.43
N ARG A 488 16.45 18.38 37.07
CA ARG A 488 15.26 17.85 36.41
C ARG A 488 14.03 18.51 37.01
N TYR A 489 13.33 19.27 36.18
CA TYR A 489 12.21 20.07 36.63
C TYR A 489 10.90 19.41 36.24
N GLY A 490 10.25 18.80 37.22
CA GLY A 490 8.94 18.18 37.04
C GLY A 490 8.91 17.01 36.06
N LEU A 491 10.05 16.39 35.80
CA LEU A 491 10.14 15.35 34.76
C LEU A 491 10.46 13.96 35.29
N VAL A 492 9.62 12.99 34.90
CA VAL A 492 9.71 11.63 35.43
C VAL A 492 10.48 10.66 34.53
N THR A 493 10.03 10.52 33.29
CA THR A 493 10.58 9.57 32.32
C THR A 493 10.81 8.15 32.89
N ASN A 494 11.91 7.49 32.49
CA ASN A 494 12.20 6.11 32.91
C ASN A 494 13.65 5.95 33.36
N GLU A 495 13.94 4.80 33.96
CA GLU A 495 15.28 4.52 34.51
C GLU A 495 16.43 4.74 33.54
N ILE A 496 16.19 4.48 32.25
CA ILE A 496 17.24 4.65 31.22
C ILE A 496 17.49 6.11 30.89
N ALA A 497 16.45 6.93 30.87
CA ALA A 497 16.61 8.36 30.66
C ALA A 497 17.26 9.03 31.87
N MET A 498 16.98 8.49 33.05
CA MET A 498 17.57 9.00 34.29
C MET A 498 19.07 8.79 34.27
N VAL A 499 19.53 7.59 33.94
CA VAL A 499 20.96 7.32 33.90
C VAL A 499 21.67 8.17 32.84
N GLN A 500 21.09 8.29 31.64
CA GLN A 500 21.73 9.07 30.59
C GLN A 500 21.84 10.53 31.03
N ALA A 501 20.76 11.06 31.58
CA ALA A 501 20.74 12.44 32.01
C ALA A 501 21.68 12.64 33.18
N ARG A 502 21.66 11.72 34.12
CA ARG A 502 22.49 11.82 35.31
C ARG A 502 23.95 11.93 34.88
N GLY A 503 24.33 11.12 33.88
CA GLY A 503 25.69 11.08 33.39
C GLY A 503 26.13 12.32 32.64
N ARG A 504 25.22 13.27 32.44
CA ARG A 504 25.59 14.57 31.89
C ARG A 504 26.64 15.24 32.75
N ALA A 505 26.35 15.38 34.05
CA ALA A 505 27.17 16.22 34.87
C ALA A 505 28.32 15.43 35.51
N ARG A 506 29.48 15.53 34.87
CA ARG A 506 30.76 15.08 35.42
C ARG A 506 31.86 15.78 34.62
N ALA A 507 33.04 16.00 35.17
CA ALA A 507 33.28 16.12 36.61
C ALA A 507 32.97 17.61 36.85
N ASP A 508 33.02 18.11 38.08
CA ASP A 508 33.39 17.40 39.28
C ASP A 508 32.44 17.92 40.36
N GLU A 509 32.32 17.22 41.48
CA GLU A 509 31.42 17.65 42.56
C GLU A 509 29.97 17.82 42.11
N SER A 510 29.62 17.16 41.01
CA SER A 510 28.33 17.38 40.37
C SER A 510 27.16 17.08 41.29
N THR A 511 26.06 17.78 41.07
CA THR A 511 24.85 17.63 41.87
C THR A 511 23.67 17.44 40.94
N TYR A 512 22.85 16.42 41.22
CA TYR A 512 21.73 16.06 40.36
C TYR A 512 20.40 16.30 41.06
N VAL A 513 19.70 17.35 40.64
CA VAL A 513 18.60 17.89 41.44
C VAL A 513 17.24 17.61 40.84
N LEU A 514 16.25 17.37 41.69
CA LEU A 514 14.89 17.14 41.26
C LEU A 514 13.97 18.15 41.93
N VAL A 515 13.39 19.04 41.14
CA VAL A 515 12.46 20.04 41.66
C VAL A 515 11.06 19.47 41.56
N ALA A 516 10.40 19.28 42.70
CA ALA A 516 9.13 18.58 42.71
C ALA A 516 8.05 19.30 43.48
N HIS A 517 6.81 19.02 43.10
CA HIS A 517 5.63 19.52 43.78
C HIS A 517 5.39 18.60 44.96
N SER A 518 4.74 19.12 46.00
CA SER A 518 4.43 18.31 47.17
C SER A 518 3.58 17.12 46.72
N GLY A 519 2.44 17.42 46.12
CA GLY A 519 1.59 16.39 45.52
C GLY A 519 0.77 16.98 44.39
N SER A 520 0.39 16.21 43.36
CA SER A 520 0.85 14.84 43.15
C SER A 520 2.34 14.83 42.84
N GLY A 521 3.08 14.06 43.62
CA GLY A 521 4.52 14.05 43.52
C GLY A 521 5.10 13.24 42.38
N VAL A 522 6.15 13.83 41.81
CA VAL A 522 7.03 13.12 40.89
C VAL A 522 7.93 12.21 41.73
N ILE A 523 8.20 12.64 42.96
CA ILE A 523 9.17 11.98 43.84
C ILE A 523 8.91 10.50 44.04
N GLU A 524 7.65 10.10 44.04
CA GLU A 524 7.30 8.69 44.23
C GLU A 524 7.65 7.92 42.96
N ARG A 525 7.48 8.55 41.80
CA ARG A 525 7.86 7.91 40.55
C ARG A 525 9.38 7.90 40.39
N GLU A 526 10.05 8.89 40.98
CA GLU A 526 11.50 8.99 40.85
C GLU A 526 12.18 7.93 41.71
N THR A 527 11.66 7.68 42.89
CA THR A 527 12.24 6.67 43.76
C THR A 527 12.23 5.31 43.07
N VAL A 528 11.11 4.96 42.46
CA VAL A 528 10.97 3.67 41.82
C VAL A 528 11.91 3.58 40.61
N ASN A 529 12.09 4.69 39.90
CA ASN A 529 13.07 4.74 38.83
C ASN A 529 14.46 4.37 39.32
N ASP A 530 14.86 4.96 40.44
CA ASP A 530 16.17 4.69 41.02
C ASP A 530 16.28 3.23 41.42
N PHE A 531 15.24 2.70 42.02
CA PHE A 531 15.23 1.31 42.44
C PHE A 531 15.46 0.42 41.22
N ARG A 532 14.80 0.76 40.12
CA ARG A 532 14.95 0.00 38.89
C ARG A 532 16.34 0.17 38.30
N GLU A 533 16.93 1.35 38.45
CA GLU A 533 18.30 1.54 37.97
C GLU A 533 19.18 0.57 38.70
N LYS A 534 19.05 0.53 40.02
CA LYS A 534 19.82 -0.39 40.86
C LYS A 534 19.47 -1.85 40.57
N MET A 535 18.21 -2.09 40.20
CA MET A 535 17.75 -3.45 39.94
C MET A 535 18.29 -4.02 38.64
N MET A 536 18.51 -3.16 37.64
CA MET A 536 19.07 -3.63 36.38
C MET A 536 20.47 -4.21 36.59
N TYR A 537 21.22 -3.67 37.54
CA TYR A 537 22.61 -4.08 37.70
C TYR A 537 22.64 -5.51 38.21
N LYS A 538 21.79 -5.81 39.18
CA LYS A 538 21.72 -7.16 39.70
C LYS A 538 21.18 -8.08 38.61
N ALA A 539 20.34 -7.54 37.71
CA ALA A 539 19.81 -8.33 36.61
C ALA A 539 20.90 -8.60 35.56
N ILE A 540 21.77 -7.61 35.35
CA ILE A 540 22.89 -7.76 34.43
C ILE A 540 23.93 -8.71 35.02
N HIS A 541 23.92 -8.86 36.34
CA HIS A 541 24.79 -9.79 37.04
C HIS A 541 24.35 -11.25 36.88
N CYS A 542 23.04 -11.51 36.97
CA CYS A 542 22.53 -12.88 36.95
C CYS A 542 22.93 -13.61 35.67
N VAL A 543 22.90 -12.89 34.55
CA VAL A 543 23.09 -13.51 33.25
C VAL A 543 24.53 -13.85 32.90
N GLN A 544 25.47 -13.17 33.55
CA GLN A 544 26.89 -13.41 33.26
C GLN A 544 27.36 -14.71 33.88
N ASN A 545 26.98 -14.92 35.13
CA ASN A 545 27.42 -16.10 35.85
C ASN A 545 26.48 -17.28 35.65
N MET A 546 25.44 -17.10 34.83
CA MET A 546 24.60 -18.22 34.45
C MET A 546 25.43 -19.18 33.60
N LYS A 547 25.19 -20.48 33.79
CA LYS A 547 26.00 -21.51 33.13
C LYS A 547 25.80 -21.43 31.62
N PRO A 548 26.88 -21.62 30.83
CA PRO A 548 26.74 -21.52 29.37
C PRO A 548 25.72 -22.47 28.75
N GLU A 549 25.63 -23.69 29.26
CA GLU A 549 24.66 -24.66 28.74
C GLU A 549 23.22 -24.15 28.92
N GLU A 550 22.92 -23.54 30.05
CA GLU A 550 21.59 -22.97 30.32
C GLU A 550 21.32 -21.74 29.47
N TYR A 551 22.31 -20.84 29.44
CA TYR A 551 22.16 -19.53 28.81
C TYR A 551 21.86 -19.66 27.32
N ALA A 552 22.65 -20.49 26.65
CA ALA A 552 22.50 -20.70 25.23
C ALA A 552 21.17 -21.39 24.92
N HIS A 553 20.78 -22.35 25.74
CA HIS A 553 19.55 -23.10 25.48
C HIS A 553 18.35 -22.17 25.57
N LYS A 554 18.32 -21.29 26.56
CA LYS A 554 17.19 -20.38 26.73
C LYS A 554 17.22 -19.20 25.75
N ILE A 555 18.40 -18.71 25.42
CA ILE A 555 18.47 -17.56 24.52
C ILE A 555 17.84 -17.91 23.19
N LEU A 556 17.96 -19.18 22.77
CA LEU A 556 17.36 -19.60 21.51
C LEU A 556 15.85 -19.49 21.55
N GLU A 557 15.23 -19.90 22.64
CA GLU A 557 13.76 -19.83 22.74
C GLU A 557 13.28 -18.39 22.64
N LEU A 558 14.10 -17.45 23.11
CA LEU A 558 13.81 -16.03 22.93
C LEU A 558 13.96 -15.63 21.46
N GLN A 559 14.97 -16.17 20.79
CA GLN A 559 15.19 -15.90 19.37
C GLN A 559 14.13 -16.54 18.45
N MET A 560 13.87 -17.83 18.59
CA MET A 560 12.91 -18.50 17.71
C MET A 560 11.54 -17.88 17.94
N GLN A 561 11.30 -17.42 19.16
CA GLN A 561 10.01 -16.82 19.48
C GLN A 561 9.85 -15.49 18.78
N SER A 562 10.91 -14.70 18.80
CA SER A 562 10.89 -13.40 18.15
C SER A 562 10.78 -13.53 16.62
N ILE A 563 11.38 -14.57 16.07
CA ILE A 563 11.34 -14.85 14.62
C ILE A 563 10.00 -15.42 14.16
N MET A 564 9.49 -16.39 14.90
CA MET A 564 8.23 -17.02 14.55
C MET A 564 7.09 -16.01 14.65
N GLU A 565 7.30 -14.97 15.44
CA GLU A 565 6.28 -13.96 15.70
C GLU A 565 5.70 -13.29 14.46
N LYS A 566 6.53 -12.84 13.53
CA LYS A 566 5.94 -12.08 12.44
C LYS A 566 5.46 -13.00 11.36
N LYS A 567 4.17 -13.33 11.45
CA LYS A 567 3.43 -13.99 10.39
C LYS A 567 2.41 -13.05 9.72
N MET A 568 2.25 -11.86 10.29
CA MET A 568 1.15 -10.96 9.95
C MET A 568 1.32 -10.18 8.64
N LYS A 569 0.19 -9.72 8.10
CA LYS A 569 0.21 -8.79 6.98
C LYS A 569 0.64 -7.39 7.45
N THR A 570 1.56 -6.78 6.70
CA THR A 570 1.95 -5.39 6.97
C THR A 570 0.80 -4.41 6.69
N LYS A 571 0.11 -4.62 5.57
CA LYS A 571 -1.03 -3.78 5.18
C LYS A 571 -1.80 -4.45 4.05
N PRO A 582 -14.57 4.42 -2.07
CA PRO A 582 -13.74 5.56 -2.47
C PRO A 582 -14.58 6.77 -2.81
N SER A 583 -15.78 6.48 -3.28
CA SER A 583 -16.87 7.44 -3.40
C SER A 583 -17.82 7.31 -2.20
N LEU A 584 -17.43 6.52 -1.21
CA LEU A 584 -18.30 6.07 -0.13
C LEU A 584 -18.40 7.08 1.03
N ILE A 585 -17.82 8.26 0.87
CA ILE A 585 -17.67 9.21 1.98
C ILE A 585 -17.98 10.65 1.60
N THR A 586 -18.41 11.42 2.60
CA THR A 586 -18.58 12.86 2.46
C THR A 586 -17.99 13.60 3.67
N PHE A 587 -17.14 14.60 3.39
CA PHE A 587 -16.45 15.34 4.43
C PHE A 587 -17.19 16.59 4.90
N LEU A 588 -17.49 16.68 6.19
CA LEU A 588 -18.10 17.89 6.77
C LEU A 588 -17.11 18.65 7.62
N CYS A 589 -17.26 19.97 7.69
CA CYS A 589 -16.47 20.76 8.62
C CYS A 589 -16.89 20.33 10.03
N LYS A 590 -15.96 20.30 10.97
CA LYS A 590 -16.30 19.89 12.34
C LYS A 590 -16.95 20.99 13.21
N ASN A 591 -16.41 22.23 13.17
CA ASN A 591 -17.00 23.34 13.93
C ASN A 591 -18.47 23.50 13.57
N CYS A 592 -18.74 23.44 12.29
CA CYS A 592 -20.04 23.71 11.73
C CYS A 592 -20.39 22.65 10.73
N SER A 593 -21.67 22.28 10.66
CA SER A 593 -22.03 21.21 9.76
C SER A 593 -22.38 21.80 8.41
N VAL A 594 -21.42 21.70 7.49
CA VAL A 594 -21.60 22.13 6.11
C VAL A 594 -20.81 21.19 5.21
N LEU A 595 -21.38 20.83 4.07
CA LEU A 595 -20.67 19.94 3.16
C LEU A 595 -19.40 20.64 2.66
N ALA A 596 -18.27 19.98 2.83
CA ALA A 596 -16.98 20.51 2.41
C ALA A 596 -16.60 19.89 1.07
N CYS A 597 -16.38 18.58 1.07
CA CYS A 597 -16.02 17.85 -0.13
C CYS A 597 -16.68 16.49 -0.14
N SER A 598 -17.23 16.09 -1.28
CA SER A 598 -17.60 14.68 -1.44
C SER A 598 -16.30 13.93 -1.71
N GLY A 599 -16.34 12.61 -1.74
CA GLY A 599 -15.11 11.85 -1.68
C GLY A 599 -14.37 11.76 -3.00
N GLU A 600 -15.07 11.97 -4.09
CA GLU A 600 -14.42 12.00 -5.38
C GLU A 600 -13.48 13.20 -5.49
N ASP A 601 -13.88 14.32 -4.90
CA ASP A 601 -13.18 15.60 -5.11
C ASP A 601 -11.76 15.66 -4.54
N ILE A 602 -11.40 14.71 -3.67
CA ILE A 602 -10.04 14.62 -3.15
C ILE A 602 -9.12 13.85 -4.11
N HIS A 603 -7.85 14.27 -4.15
CA HIS A 603 -6.84 13.70 -5.04
C HIS A 603 -5.55 13.54 -4.25
N VAL A 604 -4.61 12.77 -4.79
CA VAL A 604 -3.35 12.49 -4.10
C VAL A 604 -2.17 12.78 -5.00
N ILE A 605 -1.16 13.47 -4.48
CA ILE A 605 0.06 13.68 -5.23
C ILE A 605 1.22 12.94 -4.56
N GLU A 606 1.99 12.20 -5.37
CA GLU A 606 3.14 11.45 -4.87
C GLU A 606 2.74 10.50 -3.74
N LYS A 607 1.50 10.01 -3.78
CA LYS A 607 0.99 9.05 -2.78
C LYS A 607 0.83 9.62 -1.37
N MET A 608 1.17 10.90 -1.17
CA MET A 608 1.24 11.47 0.16
C MET A 608 0.18 12.55 0.36
N HIS A 609 0.31 13.67 -0.35
CA HIS A 609 -0.48 14.87 -0.01
C HIS A 609 -1.92 14.70 -0.50
N HIS A 610 -2.87 14.88 0.41
CA HIS A 610 -4.27 14.76 0.09
C HIS A 610 -4.81 16.16 -0.20
N VAL A 611 -5.21 16.37 -1.45
CA VAL A 611 -5.47 17.71 -1.97
C VAL A 611 -6.86 17.77 -2.58
N ASN A 612 -7.49 18.94 -2.52
CA ASN A 612 -8.73 19.16 -3.25
C ASN A 612 -8.57 20.33 -4.21
N MET A 613 -8.50 20.01 -5.50
CA MET A 613 -8.34 21.01 -6.56
C MET A 613 -9.66 21.38 -7.21
N THR A 614 -10.75 20.76 -6.76
CA THR A 614 -12.04 20.98 -7.40
C THR A 614 -12.44 22.44 -7.17
N PRO A 615 -12.78 23.19 -8.25
CA PRO A 615 -13.05 24.63 -8.14
C PRO A 615 -14.18 24.98 -7.18
N GLU A 616 -15.18 24.11 -7.06
CA GLU A 616 -16.21 24.25 -6.03
C GLU A 616 -15.59 24.52 -4.66
N PHE A 617 -14.53 23.80 -4.33
CA PHE A 617 -13.91 23.90 -3.02
C PHE A 617 -13.26 25.27 -2.81
N LYS A 618 -12.76 25.87 -3.89
CA LYS A 618 -12.13 27.19 -3.84
C LYS A 618 -13.09 28.20 -3.21
N GLU A 619 -14.37 28.02 -3.52
CA GLU A 619 -15.43 28.92 -3.09
C GLU A 619 -15.65 28.93 -1.59
N LEU A 620 -15.40 27.77 -0.97
CA LEU A 620 -15.77 27.53 0.42
C LEU A 620 -14.79 28.03 1.48
N TYR A 621 -13.58 28.41 1.08
CA TYR A 621 -12.56 28.81 2.04
C TYR A 621 -12.01 30.23 1.87
N ILE A 622 -11.35 30.69 2.93
CA ILE A 622 -10.62 31.97 2.95
C ILE A 622 -9.14 31.60 3.21
N VAL A 623 -8.22 32.51 2.89
CA VAL A 623 -6.79 32.28 3.13
C VAL A 623 -6.23 33.34 4.08
N ARG A 624 -5.33 32.91 4.98
CA ARG A 624 -4.62 33.81 5.89
C ARG A 624 -5.58 34.48 6.88
N GLY A 640 0.73 29.61 3.58
CA GLY A 640 -0.65 30.04 3.67
C GLY A 640 -1.50 29.01 4.37
N GLU A 641 -2.51 29.47 5.12
CA GLU A 641 -3.41 28.58 5.85
C GLU A 641 -4.82 28.71 5.29
N ILE A 642 -5.50 27.58 5.18
CA ILE A 642 -6.89 27.52 4.71
C ILE A 642 -7.86 27.38 5.87
N ILE A 643 -8.93 28.17 5.83
CA ILE A 643 -9.91 28.23 6.90
C ILE A 643 -11.32 28.22 6.34
N CYS A 644 -12.27 27.83 7.18
CA CYS A 644 -13.66 27.67 6.78
C CYS A 644 -14.30 29.05 6.61
N LYS A 645 -15.57 29.06 6.24
CA LYS A 645 -16.39 30.25 6.35
C LYS A 645 -16.45 30.62 7.83
N CYS A 646 -16.72 29.61 8.66
CA CYS A 646 -16.81 29.77 10.13
C CYS A 646 -15.54 30.27 10.78
N GLY A 647 -14.41 30.01 10.15
CA GLY A 647 -13.12 30.37 10.69
C GLY A 647 -12.33 29.18 11.18
N GLN A 648 -12.98 28.02 11.30
CA GLN A 648 -12.27 26.81 11.72
C GLN A 648 -11.22 26.44 10.68
N ALA A 649 -9.99 26.25 11.13
CA ALA A 649 -8.92 25.86 10.24
C ALA A 649 -9.32 24.58 9.50
N TRP A 650 -9.02 24.56 8.21
CA TRP A 650 -9.31 23.42 7.33
C TRP A 650 -8.04 22.71 6.89
N GLY A 651 -7.14 23.45 6.27
CA GLY A 651 -5.92 22.87 5.75
C GLY A 651 -4.81 23.89 5.57
N THR A 652 -3.73 23.45 4.95
CA THR A 652 -2.61 24.32 4.62
C THR A 652 -2.42 24.40 3.11
N MET A 653 -1.87 25.51 2.64
CA MET A 653 -1.63 25.71 1.21
C MET A 653 -0.16 25.45 0.91
N MET A 654 0.09 24.32 0.26
CA MET A 654 1.43 23.97 -0.21
C MET A 654 1.50 24.39 -1.66
N VAL A 655 2.67 24.87 -2.09
CA VAL A 655 2.83 25.36 -3.46
C VAL A 655 3.81 24.47 -4.21
N HIS A 656 3.37 23.97 -5.35
CA HIS A 656 4.23 23.22 -6.24
C HIS A 656 3.92 23.75 -7.64
N LYS A 657 4.94 24.31 -8.29
CA LYS A 657 4.75 25.01 -9.56
C LYS A 657 3.75 26.14 -9.34
N LEU A 661 -0.49 23.30 -4.72
CA LEU A 661 -1.57 22.35 -4.47
C LEU A 661 -2.04 22.45 -3.02
N PRO A 662 -3.33 22.79 -2.80
CA PRO A 662 -3.84 22.83 -1.42
C PRO A 662 -3.93 21.45 -0.75
N CYS A 663 -3.39 21.32 0.46
CA CYS A 663 -3.48 20.09 1.22
C CYS A 663 -4.37 20.34 2.41
N LEU A 664 -5.14 19.32 2.81
CA LEU A 664 -6.06 19.48 3.94
C LEU A 664 -5.86 18.38 4.99
N LYS A 665 -5.87 18.79 6.25
CA LYS A 665 -5.70 17.87 7.36
C LYS A 665 -7.02 17.18 7.66
N ILE A 666 -6.97 15.85 7.80
CA ILE A 666 -8.17 15.10 8.08
C ILE A 666 -8.80 15.53 9.38
N ARG A 667 -7.97 15.93 10.34
CA ARG A 667 -8.40 16.27 11.69
C ARG A 667 -9.50 17.33 11.75
N ASN A 668 -9.49 18.27 10.80
CA ASN A 668 -10.48 19.34 10.79
C ASN A 668 -11.85 18.94 10.25
N PHE A 669 -11.94 17.74 9.67
CA PHE A 669 -13.20 17.27 9.11
C PHE A 669 -13.72 16.02 9.80
N VAL A 670 -15.03 15.82 9.68
CA VAL A 670 -15.72 14.62 10.16
C VAL A 670 -16.33 13.92 8.95
N VAL A 671 -15.94 12.66 8.76
CA VAL A 671 -16.35 11.88 7.60
C VAL A 671 -17.68 11.19 7.83
N VAL A 672 -18.60 11.30 6.87
CA VAL A 672 -19.86 10.59 6.94
C VAL A 672 -19.85 9.36 6.05
N PHE A 673 -20.07 8.17 6.60
CA PHE A 673 -20.21 6.99 5.78
C PHE A 673 -21.58 7.02 5.13
N LYS A 674 -21.64 6.54 3.89
CA LYS A 674 -22.87 6.61 3.11
C LYS A 674 -23.84 5.49 3.42
N ASN A 675 -23.32 4.26 3.53
CA ASN A 675 -24.17 3.08 3.60
C ASN A 675 -25.26 3.19 4.67
N ASN A 676 -24.88 3.72 5.82
CA ASN A 676 -25.79 4.14 6.87
C ASN A 676 -25.06 5.33 7.43
N SER A 677 -25.77 6.38 7.83
CA SER A 677 -25.07 7.59 8.18
C SER A 677 -24.43 7.43 9.55
N THR A 678 -23.10 7.47 9.53
CA THR A 678 -22.31 7.35 10.73
C THR A 678 -21.14 8.32 10.56
N LYS A 679 -20.89 9.13 11.57
CA LYS A 679 -19.80 10.10 11.52
C LYS A 679 -18.62 9.61 12.34
N LYS A 680 -17.54 9.27 11.65
CA LYS A 680 -16.32 8.85 12.30
C LYS A 680 -15.35 10.00 12.10
N GLN A 681 -14.42 10.19 13.03
CA GLN A 681 -13.43 11.24 12.90
C GLN A 681 -12.04 10.62 12.99
N TYR A 682 -11.11 11.12 12.19
CA TYR A 682 -9.79 10.48 12.07
C TYR A 682 -8.65 11.45 12.38
N LYS A 683 -7.60 10.90 13.00
CA LYS A 683 -6.44 11.69 13.36
C LYS A 683 -5.54 11.96 12.16
N LYS A 684 -5.29 10.92 11.36
CA LYS A 684 -4.47 11.06 10.15
C LYS A 684 -5.05 10.28 8.98
N TRP A 685 -4.54 10.56 7.79
CA TRP A 685 -5.10 10.01 6.55
C TRP A 685 -5.08 8.48 6.44
N VAL A 686 -3.95 7.86 6.81
CA VAL A 686 -3.77 6.41 6.66
C VAL A 686 -4.88 5.59 7.33
N GLU A 687 -5.44 6.10 8.43
CA GLU A 687 -6.38 5.34 9.25
C GLU A 687 -7.68 4.98 8.53
N LEU A 688 -8.24 5.91 7.75
CA LEU A 688 -9.46 5.62 6.98
C LEU A 688 -9.16 4.65 5.82
N PRO A 689 -10.02 3.63 5.64
CA PRO A 689 -9.71 2.54 4.71
C PRO A 689 -9.65 2.92 3.24
N ILE A 690 -10.46 3.89 2.81
CA ILE A 690 -10.60 4.18 1.39
C ILE A 690 -9.31 4.69 0.74
N THR A 691 -9.13 4.31 -0.52
CA THR A 691 -8.00 4.74 -1.33
C THR A 691 -8.44 5.96 -2.12
N PHE A 692 -7.50 6.86 -2.39
CA PHE A 692 -7.77 8.07 -3.16
C PHE A 692 -6.99 8.03 -4.48
N PRO A 693 -7.56 8.63 -5.53
CA PRO A 693 -6.98 8.63 -6.89
C PRO A 693 -5.67 9.38 -6.97
N ASN A 694 -4.64 8.78 -7.55
CA ASN A 694 -3.34 9.45 -7.63
C ASN A 694 -3.35 10.52 -8.72
N LEU A 695 -2.45 11.49 -8.60
CA LEU A 695 -2.31 12.61 -9.53
C LEU A 695 -0.84 12.77 -9.92
N LEU B 6 -26.95 19.35 -17.45
CA LEU B 6 -26.98 18.28 -18.43
C LEU B 6 -28.12 18.49 -19.41
N GLN B 7 -27.85 18.25 -20.68
CA GLN B 7 -28.90 18.26 -21.70
C GLN B 7 -28.47 17.39 -22.87
N LEU B 8 -29.46 16.95 -23.63
CA LEU B 8 -29.24 16.01 -24.71
C LEU B 8 -29.17 16.69 -26.06
N ARG B 9 -28.18 16.27 -26.86
CA ARG B 9 -28.03 16.72 -28.23
C ARG B 9 -29.28 16.27 -29.00
N PRO B 10 -29.61 16.94 -30.12
CA PRO B 10 -30.94 16.71 -30.70
C PRO B 10 -31.21 15.25 -31.02
N TYR B 11 -30.19 14.55 -31.50
CA TYR B 11 -30.36 13.16 -31.89
C TYR B 11 -30.51 12.22 -30.72
N GLN B 12 -29.72 12.43 -29.68
CA GLN B 12 -29.75 11.49 -28.58
C GLN B 12 -31.05 11.61 -27.77
N MET B 13 -31.86 12.64 -28.04
CA MET B 13 -33.16 12.72 -27.40
C MET B 13 -34.08 11.60 -27.90
N GLU B 14 -34.02 11.32 -29.20
CA GLU B 14 -34.98 10.39 -29.81
C GLU B 14 -34.80 8.94 -29.35
N VAL B 15 -33.57 8.49 -29.09
CA VAL B 15 -33.38 7.12 -28.59
C VAL B 15 -33.93 6.90 -27.18
N ALA B 16 -33.99 7.97 -26.40
CA ALA B 16 -34.45 7.89 -25.01
C ALA B 16 -35.96 8.12 -24.81
N GLN B 17 -36.67 8.54 -25.86
CA GLN B 17 -38.09 8.91 -25.72
C GLN B 17 -38.96 7.82 -25.09
N PRO B 18 -38.84 6.56 -25.55
CA PRO B 18 -39.65 5.55 -24.87
C PRO B 18 -39.22 5.32 -23.42
N ALA B 19 -37.92 5.31 -23.16
CA ALA B 19 -37.42 5.10 -21.81
C ALA B 19 -37.96 6.18 -20.89
N LEU B 20 -38.14 7.39 -21.42
CA LEU B 20 -38.56 8.52 -20.60
C LEU B 20 -39.90 8.27 -19.92
N GLU B 21 -40.82 7.63 -20.61
CA GLU B 21 -42.06 7.16 -19.99
C GLU B 21 -42.23 5.65 -20.17
N GLY B 22 -42.07 4.92 -19.07
CA GLY B 22 -42.19 3.46 -19.06
C GLY B 22 -41.37 2.76 -20.12
N LYS B 23 -42.03 1.87 -20.86
CA LYS B 23 -41.54 1.32 -22.13
C LYS B 23 -40.05 0.95 -22.10
N ASN B 24 -39.71 -0.12 -21.39
CA ASN B 24 -38.35 -0.62 -21.37
C ASN B 24 -37.77 -1.00 -22.74
N ILE B 25 -36.59 -0.47 -23.05
CA ILE B 25 -35.96 -0.60 -24.36
C ILE B 25 -34.49 -1.01 -24.23
N ILE B 26 -33.88 -1.37 -25.36
CA ILE B 26 -32.42 -1.38 -25.50
C ILE B 26 -32.09 -0.08 -26.24
N ILE B 27 -30.90 0.49 -26.00
CA ILE B 27 -30.47 1.71 -26.69
C ILE B 27 -29.21 1.49 -27.52
N CYS B 28 -29.32 1.70 -28.83
CA CYS B 28 -28.17 1.52 -29.71
C CYS B 28 -27.64 2.85 -30.23
N LEU B 29 -26.39 3.15 -29.89
CA LEU B 29 -25.71 4.33 -30.41
C LEU B 29 -24.29 3.95 -30.79
N PRO B 30 -23.77 4.52 -31.90
CA PRO B 30 -22.39 4.21 -32.28
C PRO B 30 -21.44 4.57 -31.12
N THR B 31 -20.32 3.86 -30.99
CA THR B 31 -19.43 4.09 -29.85
C THR B 31 -18.95 5.52 -29.89
N GLY B 32 -18.70 6.09 -28.73
CA GLY B 32 -18.48 7.52 -28.61
C GLY B 32 -19.84 8.18 -28.64
N CYS B 33 -19.92 9.34 -29.29
CA CYS B 33 -21.16 10.08 -29.39
C CYS B 33 -21.72 10.39 -27.98
N GLY B 34 -23.03 10.25 -27.76
CA GLY B 34 -23.66 10.67 -26.50
C GLY B 34 -24.07 9.62 -25.47
N LYS B 35 -23.42 8.46 -25.43
CA LYS B 35 -24.02 7.25 -24.81
C LYS B 35 -24.43 7.22 -23.33
N THR B 36 -23.56 7.61 -22.41
CA THR B 36 -23.93 7.56 -21.00
C THR B 36 -24.90 8.64 -20.57
N ARG B 37 -24.79 9.80 -21.21
CA ARG B 37 -25.58 10.96 -20.83
C ARG B 37 -27.07 10.69 -20.96
N VAL B 38 -27.47 9.88 -21.95
CA VAL B 38 -28.89 9.52 -22.06
C VAL B 38 -29.28 8.70 -20.82
N ALA B 39 -28.38 7.82 -20.38
CA ALA B 39 -28.65 7.02 -19.19
C ALA B 39 -28.86 7.91 -17.98
N VAL B 40 -27.95 8.88 -17.78
CA VAL B 40 -28.03 9.83 -16.66
C VAL B 40 -29.37 10.55 -16.70
N TYR B 41 -29.81 10.84 -17.93
CA TYR B 41 -31.02 11.59 -18.17
C TYR B 41 -32.27 10.79 -17.86
N ILE B 42 -32.22 9.47 -18.04
CA ILE B 42 -33.36 8.65 -17.68
C ILE B 42 -33.50 8.69 -16.16
N ALA B 43 -32.36 8.60 -15.48
CA ALA B 43 -32.34 8.60 -14.02
C ALA B 43 -32.94 9.88 -13.46
N LYS B 44 -32.38 11.03 -13.84
CA LYS B 44 -32.89 12.32 -13.35
C LYS B 44 -34.38 12.39 -13.59
N ASP B 45 -34.78 12.17 -14.84
CA ASP B 45 -36.19 12.19 -15.17
C ASP B 45 -36.96 11.24 -14.26
N HIS B 46 -36.41 10.06 -14.00
CA HIS B 46 -37.13 9.03 -13.25
C HIS B 46 -37.37 9.44 -11.79
N LEU B 47 -36.28 9.76 -11.10
CA LEU B 47 -36.37 10.12 -9.70
C LEU B 47 -37.25 11.36 -9.53
N ASP B 48 -36.98 12.40 -10.33
CA ASP B 48 -37.78 13.61 -10.31
C ASP B 48 -39.25 13.28 -10.56
N LYS B 49 -39.50 12.33 -11.45
CA LYS B 49 -40.88 11.98 -11.79
C LYS B 49 -41.62 11.26 -10.66
N LYS B 50 -40.92 10.44 -9.89
CA LYS B 50 -41.57 9.68 -8.81
C LYS B 50 -41.79 10.41 -7.49
N LYS B 51 -40.89 11.32 -7.13
CA LYS B 51 -41.09 12.12 -5.92
C LYS B 51 -42.45 12.80 -6.06
N LYS B 52 -42.81 13.17 -7.28
CA LYS B 52 -44.12 13.72 -7.55
C LYS B 52 -45.17 12.63 -7.42
N ALA B 53 -44.84 11.42 -7.87
CA ALA B 53 -45.73 10.26 -7.77
C ALA B 53 -45.84 9.59 -6.38
N SER B 54 -44.99 9.97 -5.44
CA SER B 54 -45.05 9.42 -4.08
C SER B 54 -44.65 7.93 -4.00
N GLU B 55 -44.21 7.35 -5.11
CA GLU B 55 -43.81 5.95 -5.15
C GLU B 55 -42.31 5.89 -4.91
N PRO B 56 -41.82 4.77 -4.37
CA PRO B 56 -40.40 4.77 -4.00
C PRO B 56 -39.49 4.72 -5.22
N GLY B 57 -38.38 5.46 -5.24
CA GLY B 57 -37.35 5.21 -6.23
C GLY B 57 -36.03 4.72 -5.71
N LYS B 58 -35.33 3.97 -6.55
CA LYS B 58 -33.94 3.54 -6.33
C LYS B 58 -33.43 3.21 -7.72
N VAL B 59 -32.13 3.30 -7.98
CA VAL B 59 -31.63 2.96 -9.31
C VAL B 59 -30.34 2.18 -9.21
N ILE B 60 -30.32 1.02 -9.84
CA ILE B 60 -29.25 0.03 -9.58
C ILE B 60 -28.05 -0.06 -10.56
N VAL B 61 -28.15 0.53 -11.76
CA VAL B 61 -26.96 0.76 -12.63
C VAL B 61 -25.83 -0.31 -12.72
N LEU B 62 -26.12 -1.48 -13.30
CA LEU B 62 -25.09 -2.55 -13.39
C LEU B 62 -24.01 -2.31 -14.44
N VAL B 63 -22.78 -2.74 -14.13
CA VAL B 63 -21.66 -2.62 -15.07
C VAL B 63 -20.83 -3.89 -15.18
N ASN B 64 -20.05 -4.01 -16.25
CA ASN B 64 -19.21 -5.17 -16.48
C ASN B 64 -17.83 -5.14 -15.82
N LYS B 65 -17.34 -3.96 -15.46
CA LYS B 65 -15.95 -3.79 -15.02
C LYS B 65 -15.81 -3.02 -13.73
N VAL B 66 -14.82 -3.39 -12.91
CA VAL B 66 -14.57 -2.67 -11.67
C VAL B 66 -14.16 -1.24 -11.97
N LEU B 67 -13.34 -1.07 -13.00
CA LEU B 67 -12.85 0.25 -13.33
C LEU B 67 -14.02 1.12 -13.79
N LEU B 68 -14.97 0.50 -14.49
CA LEU B 68 -16.16 1.21 -14.97
C LEU B 68 -17.03 1.72 -13.84
N VAL B 69 -16.92 1.11 -12.65
CA VAL B 69 -17.69 1.56 -11.51
C VAL B 69 -17.24 2.98 -11.17
N GLU B 70 -15.93 3.18 -11.06
CA GLU B 70 -15.40 4.49 -10.74
C GLU B 70 -15.58 5.42 -11.91
N GLN B 71 -15.37 4.91 -13.10
CA GLN B 71 -15.35 5.75 -14.29
C GLN B 71 -16.73 6.36 -14.59
N LEU B 72 -17.78 5.56 -14.58
CA LEU B 72 -19.12 6.11 -14.77
C LEU B 72 -19.46 7.10 -13.67
N PHE B 73 -19.12 6.75 -12.43
CA PHE B 73 -19.44 7.60 -11.27
C PHE B 73 -18.82 8.98 -11.40
N ARG B 74 -17.49 9.02 -11.51
CA ARG B 74 -16.73 10.26 -11.56
C ARG B 74 -17.08 11.11 -12.78
N LYS B 75 -17.25 10.45 -13.92
CA LYS B 75 -17.50 11.12 -15.19
C LYS B 75 -18.95 11.52 -15.46
N GLU B 76 -19.91 10.70 -15.02
CA GLU B 76 -21.29 10.86 -15.47
C GLU B 76 -22.31 11.06 -14.35
N PHE B 77 -22.54 10.02 -13.56
CA PHE B 77 -23.68 10.00 -12.65
C PHE B 77 -23.57 10.94 -11.46
N GLN B 78 -22.40 11.00 -10.84
CA GLN B 78 -22.27 11.83 -9.65
C GLN B 78 -22.36 13.34 -9.97
N PRO B 79 -21.52 13.85 -10.90
CA PRO B 79 -21.44 15.32 -11.02
C PRO B 79 -22.74 16.01 -11.37
N PHE B 80 -23.60 15.36 -12.15
CA PHE B 80 -24.90 15.94 -12.51
C PHE B 80 -25.97 15.74 -11.44
N LEU B 81 -25.98 14.56 -10.81
CA LEU B 81 -27.03 14.21 -9.86
C LEU B 81 -26.66 14.54 -8.38
N LYS B 82 -25.47 15.11 -8.18
CA LYS B 82 -24.92 15.37 -6.85
C LYS B 82 -25.87 16.13 -5.93
N LYS B 83 -26.42 17.24 -6.43
CA LYS B 83 -27.21 18.14 -5.60
C LYS B 83 -28.46 17.47 -5.08
N TRP B 84 -29.18 16.83 -6.00
CA TRP B 84 -30.51 16.31 -5.70
C TRP B 84 -30.49 14.96 -4.98
N TYR B 85 -29.72 14.02 -5.50
CA TYR B 85 -29.84 12.62 -5.10
C TYR B 85 -28.55 12.01 -4.61
N ARG B 86 -28.68 10.96 -3.81
CA ARG B 86 -27.54 10.31 -3.22
C ARG B 86 -27.14 9.16 -4.13
N VAL B 87 -25.91 9.22 -4.61
CA VAL B 87 -25.39 8.23 -5.56
C VAL B 87 -24.07 7.65 -5.04
N ILE B 88 -23.96 6.33 -5.06
CA ILE B 88 -22.74 5.68 -4.60
C ILE B 88 -22.36 4.49 -5.45
N GLY B 89 -21.11 4.46 -5.89
CA GLY B 89 -20.56 3.28 -6.52
C GLY B 89 -19.94 2.36 -5.50
N LEU B 90 -20.02 1.07 -5.74
CA LEU B 90 -19.31 0.06 -4.94
C LEU B 90 -18.98 -1.16 -5.80
N SER B 91 -17.81 -1.75 -5.59
CA SER B 91 -17.47 -2.98 -6.28
C SER B 91 -17.45 -4.13 -5.30
N GLY B 92 -16.55 -4.07 -4.33
CA GLY B 92 -16.44 -5.08 -3.29
C GLY B 92 -15.29 -6.03 -3.56
N LEU B 96 -15.65 -1.87 -0.32
CA LEU B 96 -14.66 -2.08 0.72
C LEU B 96 -15.29 -2.57 2.04
N LYS B 97 -15.74 -3.83 2.05
CA LYS B 97 -16.30 -4.46 3.26
C LYS B 97 -17.75 -4.02 3.56
N ILE B 98 -18.38 -3.32 2.62
CA ILE B 98 -19.70 -2.68 2.87
C ILE B 98 -20.91 -3.63 2.94
N SER B 99 -21.84 -3.35 3.85
CA SER B 99 -23.06 -4.11 3.98
C SER B 99 -24.01 -3.78 2.82
N PHE B 100 -24.34 -4.77 2.00
CA PHE B 100 -25.16 -4.53 0.79
C PHE B 100 -26.66 -4.26 0.91
N PRO B 101 -27.39 -5.04 1.72
CA PRO B 101 -28.81 -4.70 1.72
C PRO B 101 -29.05 -3.31 2.29
N GLU B 102 -28.13 -2.87 3.15
CA GLU B 102 -28.27 -1.59 3.83
C GLU B 102 -27.89 -0.38 2.99
N VAL B 103 -27.02 -0.54 1.99
CA VAL B 103 -26.76 0.58 1.08
C VAL B 103 -28.02 0.89 0.28
N VAL B 104 -28.73 -0.15 -0.15
CA VAL B 104 -29.94 0.05 -0.94
C VAL B 104 -30.94 0.90 -0.16
N LYS B 105 -30.92 0.78 1.16
CA LYS B 105 -31.79 1.59 2.01
C LYS B 105 -31.60 3.12 1.87
N SER B 106 -30.36 3.59 2.02
CA SER B 106 -30.08 5.03 2.18
C SER B 106 -29.55 5.79 0.94
N CYS B 107 -29.36 5.12 -0.19
CA CYS B 107 -28.94 5.82 -1.43
C CYS B 107 -29.79 5.59 -2.70
N ASP B 108 -30.29 6.70 -3.23
CA ASP B 108 -31.15 6.72 -4.41
C ASP B 108 -30.59 6.05 -5.67
N ILE B 109 -29.27 6.15 -5.87
CA ILE B 109 -28.60 5.57 -7.04
C ILE B 109 -27.40 4.74 -6.62
N ILE B 110 -27.20 3.58 -7.26
CA ILE B 110 -26.15 2.64 -6.86
C ILE B 110 -25.40 2.11 -8.08
N ILE B 111 -24.11 2.37 -8.20
CA ILE B 111 -23.34 1.83 -9.33
C ILE B 111 -22.52 0.60 -8.91
N SER B 112 -22.85 -0.56 -9.45
CA SER B 112 -22.24 -1.81 -8.98
C SER B 112 -21.87 -2.70 -10.15
N THR B 113 -20.85 -3.54 -9.95
CA THR B 113 -20.58 -4.61 -10.90
C THR B 113 -21.77 -5.54 -10.86
N ALA B 114 -22.00 -6.28 -11.94
CA ALA B 114 -23.19 -7.10 -12.07
C ALA B 114 -23.30 -8.15 -10.97
N GLN B 115 -22.24 -8.93 -10.78
CA GLN B 115 -22.30 -10.09 -9.89
C GLN B 115 -22.72 -9.77 -8.47
N ILE B 116 -22.39 -8.57 -7.99
CA ILE B 116 -22.77 -8.17 -6.64
C ILE B 116 -24.29 -8.29 -6.46
N LEU B 117 -25.05 -7.94 -7.49
CA LEU B 117 -26.49 -8.08 -7.38
C LEU B 117 -26.90 -9.52 -7.36
N GLU B 118 -26.38 -10.31 -8.30
CA GLU B 118 -26.72 -11.73 -8.38
C GLU B 118 -26.46 -12.36 -7.01
N ASN B 119 -25.32 -12.03 -6.40
CA ASN B 119 -24.91 -12.57 -5.10
C ASN B 119 -25.95 -12.31 -4.02
N SER B 120 -26.51 -11.11 -4.04
CA SER B 120 -27.48 -10.72 -3.02
C SER B 120 -28.90 -11.19 -3.34
N LEU B 121 -29.13 -11.61 -4.57
CA LEU B 121 -30.41 -12.17 -4.95
C LEU B 121 -30.57 -13.63 -4.49
N LEU B 122 -29.51 -14.19 -3.89
CA LEU B 122 -29.60 -15.51 -3.26
C LEU B 122 -29.34 -15.42 -1.75
N ASN B 123 -30.30 -15.88 -0.94
CA ASN B 123 -30.17 -15.86 0.52
C ASN B 123 -30.24 -17.26 1.11
N GLY B 131 -31.59 -9.90 2.96
CA GLY B 131 -31.59 -10.02 1.51
C GLY B 131 -32.39 -8.95 0.78
N VAL B 132 -32.11 -8.79 -0.51
CA VAL B 132 -32.79 -7.80 -1.35
C VAL B 132 -33.30 -8.48 -2.63
N GLN B 133 -34.39 -7.94 -3.18
CA GLN B 133 -35.06 -8.55 -4.32
C GLN B 133 -35.17 -7.51 -5.42
N LEU B 134 -35.49 -7.94 -6.64
CA LEU B 134 -35.62 -7.02 -7.75
C LEU B 134 -36.75 -6.02 -7.53
N SER B 135 -37.85 -6.50 -6.96
CA SER B 135 -39.04 -5.69 -6.74
C SER B 135 -38.73 -4.38 -6.04
N ASP B 136 -37.67 -4.36 -5.25
CA ASP B 136 -37.27 -3.16 -4.53
C ASP B 136 -36.80 -2.03 -5.45
N PHE B 137 -35.99 -2.39 -6.45
CA PHE B 137 -35.43 -1.39 -7.37
C PHE B 137 -36.46 -0.85 -8.35
N SER B 138 -36.22 0.37 -8.81
CA SER B 138 -37.10 1.03 -9.77
C SER B 138 -36.69 0.79 -11.22
N LEU B 139 -35.49 1.22 -11.56
CA LEU B 139 -35.01 1.12 -12.92
C LEU B 139 -33.62 0.50 -12.92
N ILE B 140 -33.31 -0.25 -13.97
CA ILE B 140 -32.03 -0.94 -14.07
C ILE B 140 -31.31 -0.52 -15.34
N ILE B 141 -30.04 -0.11 -15.22
CA ILE B 141 -29.24 0.29 -16.38
C ILE B 141 -28.01 -0.61 -16.52
N ILE B 142 -27.67 -0.94 -17.77
CA ILE B 142 -26.62 -1.91 -18.07
C ILE B 142 -25.66 -1.33 -19.09
N ASP B 143 -24.36 -1.27 -18.77
CA ASP B 143 -23.41 -0.58 -19.65
C ASP B 143 -23.23 -1.30 -20.98
N GLU B 144 -23.19 -2.64 -20.95
CA GLU B 144 -23.07 -3.38 -22.19
C GLU B 144 -24.17 -4.42 -22.19
N CYS B 145 -25.23 -4.17 -22.97
CA CYS B 145 -26.27 -5.17 -23.11
C CYS B 145 -25.77 -6.39 -23.85
N HIS B 146 -24.81 -6.21 -24.75
CA HIS B 146 -24.44 -7.33 -25.61
C HIS B 146 -23.82 -8.50 -24.86
N HIS B 147 -23.30 -8.26 -23.67
CA HIS B 147 -22.82 -9.36 -22.85
C HIS B 147 -23.93 -10.18 -22.20
N THR B 148 -25.17 -9.68 -22.22
CA THR B 148 -26.19 -10.38 -21.45
C THR B 148 -26.80 -11.47 -22.29
N ASN B 149 -26.38 -12.70 -22.04
CA ASN B 149 -26.92 -13.87 -22.72
C ASN B 149 -26.16 -15.10 -22.31
N LYS B 150 -26.70 -16.26 -22.67
CA LYS B 150 -26.00 -17.52 -22.54
C LYS B 150 -25.30 -17.73 -21.21
N GLU B 151 -26.06 -17.66 -20.11
CA GLU B 151 -25.54 -17.89 -18.76
C GLU B 151 -24.71 -16.76 -18.15
N ALA B 152 -24.47 -15.68 -18.88
CA ALA B 152 -23.60 -14.60 -18.40
C ALA B 152 -24.22 -13.96 -17.17
N VAL B 153 -23.40 -13.26 -16.40
CA VAL B 153 -23.86 -12.70 -15.14
C VAL B 153 -25.07 -11.77 -15.25
N TYR B 154 -25.37 -11.26 -16.43
CA TYR B 154 -26.54 -10.42 -16.62
C TYR B 154 -27.80 -11.23 -16.91
N ASN B 155 -27.69 -12.23 -17.76
CA ASN B 155 -28.84 -13.08 -18.05
C ASN B 155 -29.36 -13.75 -16.79
N ASN B 156 -28.45 -14.20 -15.92
CA ASN B 156 -28.88 -14.80 -14.67
C ASN B 156 -29.80 -13.89 -13.87
N ILE B 157 -29.41 -12.64 -13.64
CA ILE B 157 -30.32 -11.74 -12.92
C ILE B 157 -31.62 -11.55 -13.71
N MET B 158 -31.50 -11.51 -15.04
CA MET B 158 -32.64 -11.33 -15.94
C MET B 158 -33.60 -12.52 -15.99
N ARG B 159 -33.08 -13.72 -15.76
CA ARG B 159 -33.92 -14.91 -15.71
C ARG B 159 -34.75 -14.88 -14.44
N HIS B 160 -34.26 -14.18 -13.41
CA HIS B 160 -35.04 -13.99 -12.19
C HIS B 160 -36.16 -13.00 -12.50
N TYR B 161 -35.81 -11.96 -13.23
CA TYR B 161 -36.72 -10.89 -13.62
C TYR B 161 -37.87 -11.42 -14.48
N LEU B 162 -37.56 -12.30 -15.43
CA LEU B 162 -38.56 -12.85 -16.35
C LEU B 162 -39.50 -13.83 -15.65
N MET B 163 -38.94 -14.61 -14.74
CA MET B 163 -39.72 -15.57 -14.00
C MET B 163 -40.67 -14.85 -13.06
N GLN B 164 -40.18 -13.81 -12.43
CA GLN B 164 -41.00 -12.99 -11.56
C GLN B 164 -42.16 -12.45 -12.37
N LYS B 165 -41.87 -12.10 -13.62
CA LYS B 165 -42.89 -11.61 -14.55
C LYS B 165 -43.98 -12.64 -14.83
N LEU B 166 -43.59 -13.90 -15.02
CA LEU B 166 -44.57 -14.92 -15.33
C LEU B 166 -45.53 -15.05 -14.15
N LYS B 167 -45.01 -14.89 -12.94
CA LYS B 167 -45.85 -14.87 -11.76
C LYS B 167 -46.94 -13.80 -11.89
N ASN B 168 -46.53 -12.62 -12.35
CA ASN B 168 -47.47 -11.50 -12.51
C ASN B 168 -48.55 -11.71 -13.56
N ASN B 169 -48.23 -12.40 -14.65
CA ASN B 169 -49.22 -12.74 -15.68
C ASN B 169 -50.26 -13.74 -15.21
N ARG B 170 -49.86 -14.68 -14.35
CA ARG B 170 -50.77 -15.64 -13.76
C ARG B 170 -51.61 -14.96 -12.69
N LEU B 171 -51.00 -14.06 -11.92
CA LEU B 171 -51.69 -13.31 -10.88
C LEU B 171 -52.80 -12.46 -11.50
N LYS B 172 -52.49 -11.83 -12.63
CA LYS B 172 -53.45 -11.00 -13.35
C LYS B 172 -54.66 -11.82 -13.79
N LYS B 173 -54.42 -13.06 -14.21
CA LYS B 173 -55.50 -13.94 -14.66
C LYS B 173 -56.30 -14.50 -13.48
N VAL B 178 -50.26 -8.58 -8.37
CA VAL B 178 -49.71 -7.36 -8.95
C VAL B 178 -48.52 -6.87 -8.10
N ILE B 179 -47.40 -7.57 -8.20
CA ILE B 179 -46.17 -7.14 -7.54
C ILE B 179 -45.38 -6.27 -8.54
N PRO B 180 -44.87 -5.10 -8.09
CA PRO B 180 -44.24 -4.19 -9.07
C PRO B 180 -42.91 -4.70 -9.63
N LEU B 181 -42.75 -4.53 -10.95
CA LEU B 181 -41.54 -4.93 -11.67
C LEU B 181 -40.74 -3.72 -12.13
N PRO B 182 -39.41 -3.73 -11.90
CA PRO B 182 -38.64 -2.57 -12.34
C PRO B 182 -38.59 -2.42 -13.87
N GLN B 183 -38.27 -1.22 -14.33
CA GLN B 183 -38.02 -0.92 -15.74
C GLN B 183 -36.55 -1.18 -16.06
N ILE B 184 -36.25 -1.76 -17.23
CA ILE B 184 -34.85 -1.94 -17.63
C ILE B 184 -34.49 -1.08 -18.84
N LEU B 185 -33.47 -0.26 -18.68
CA LEU B 185 -32.91 0.53 -19.75
C LEU B 185 -31.61 -0.09 -20.17
N GLY B 186 -31.59 -0.76 -21.32
CA GLY B 186 -30.37 -1.33 -21.83
C GLY B 186 -29.60 -0.33 -22.68
N LEU B 187 -28.28 -0.42 -22.65
CA LEU B 187 -27.41 0.43 -23.48
C LEU B 187 -26.35 -0.42 -24.14
N THR B 188 -26.30 -0.43 -25.47
CA THR B 188 -25.29 -1.20 -26.17
C THR B 188 -24.75 -0.66 -27.49
N ALA B 189 -23.44 -0.77 -27.64
CA ALA B 189 -22.80 -0.78 -28.94
C ALA B 189 -21.93 -2.04 -28.95
N SER B 190 -22.27 -3.07 -29.73
CA SER B 190 -23.54 -3.20 -30.42
C SER B 190 -23.95 -4.67 -30.39
N PRO B 191 -25.26 -4.96 -30.57
CA PRO B 191 -25.88 -6.28 -30.34
C PRO B 191 -25.16 -7.45 -30.99
N GLY B 192 -24.76 -7.28 -32.24
CA GLY B 192 -23.98 -8.31 -32.90
C GLY B 192 -24.77 -9.51 -33.35
N VAL B 193 -24.07 -10.42 -34.01
CA VAL B 193 -24.64 -11.60 -34.62
C VAL B 193 -24.17 -12.86 -33.89
N GLY B 194 -24.97 -13.92 -33.97
CA GLY B 194 -24.67 -15.15 -33.26
C GLY B 194 -23.67 -16.06 -33.96
N GLY B 195 -22.75 -15.49 -34.73
CA GLY B 195 -21.73 -16.30 -35.38
C GLY B 195 -22.30 -17.16 -36.49
N ALA B 196 -23.40 -16.70 -37.07
CA ALA B 196 -24.10 -17.40 -38.14
C ALA B 196 -23.98 -16.56 -39.41
N THR B 197 -23.47 -17.18 -40.48
CA THR B 197 -23.18 -16.46 -41.71
C THR B 197 -24.46 -15.99 -42.38
N LYS B 198 -25.52 -16.78 -42.28
CA LYS B 198 -26.79 -16.48 -42.91
C LYS B 198 -27.43 -15.22 -42.33
N GLN B 199 -28.30 -14.59 -43.11
CA GLN B 199 -29.05 -13.41 -42.65
C GLN B 199 -30.17 -13.77 -41.67
N ALA B 200 -30.77 -14.94 -41.85
CA ALA B 200 -31.90 -15.36 -41.04
C ALA B 200 -31.49 -15.56 -39.58
N LYS B 201 -30.40 -16.28 -39.36
CA LYS B 201 -29.94 -16.59 -38.01
C LYS B 201 -29.53 -15.30 -37.28
N ALA B 202 -29.03 -14.33 -38.02
CA ALA B 202 -28.55 -13.09 -37.41
C ALA B 202 -29.66 -12.32 -36.70
N GLU B 203 -30.80 -12.17 -37.36
CA GLU B 203 -31.94 -11.51 -36.73
C GLU B 203 -32.52 -12.37 -35.60
N GLU B 204 -32.40 -13.69 -35.73
CA GLU B 204 -32.83 -14.61 -34.68
C GLU B 204 -32.04 -14.37 -33.40
N HIS B 205 -30.80 -13.90 -33.54
CA HIS B 205 -29.94 -13.57 -32.39
C HIS B 205 -30.36 -12.31 -31.64
N ILE B 206 -30.83 -11.29 -32.37
CA ILE B 206 -31.23 -10.02 -31.75
C ILE B 206 -32.59 -10.15 -31.08
N LEU B 207 -33.45 -10.99 -31.64
CA LEU B 207 -34.73 -11.30 -31.01
C LEU B 207 -34.51 -11.99 -29.66
N LYS B 208 -33.45 -12.78 -29.56
CA LYS B 208 -33.06 -13.41 -28.30
C LYS B 208 -32.60 -12.38 -27.28
N LEU B 209 -31.88 -11.36 -27.73
CA LEU B 209 -31.36 -10.32 -26.83
C LEU B 209 -32.49 -9.44 -26.29
N CYS B 210 -33.41 -9.04 -27.15
CA CYS B 210 -34.56 -8.26 -26.72
C CYS B 210 -35.37 -9.10 -25.74
N ALA B 211 -35.46 -10.38 -26.06
CA ALA B 211 -36.22 -11.34 -25.27
C ALA B 211 -35.59 -11.54 -23.91
N ASN B 212 -34.27 -11.61 -23.88
CA ASN B 212 -33.57 -11.80 -22.62
C ASN B 212 -33.73 -10.59 -21.70
N LEU B 213 -33.79 -9.39 -22.29
CA LEU B 213 -34.02 -8.14 -21.53
C LEU B 213 -35.48 -7.68 -21.45
N ASP B 214 -36.38 -8.34 -22.17
CA ASP B 214 -37.79 -7.94 -22.18
C ASP B 214 -37.96 -6.49 -22.67
N ALA B 215 -37.00 -6.04 -23.45
CA ALA B 215 -37.08 -4.72 -24.02
C ALA B 215 -37.97 -4.87 -25.25
N PHE B 216 -38.78 -3.88 -25.53
CA PHE B 216 -39.67 -3.94 -26.67
C PHE B 216 -38.96 -3.70 -28.00
N THR B 217 -38.09 -2.69 -28.06
CA THR B 217 -37.37 -2.40 -29.29
C THR B 217 -35.97 -1.91 -29.05
N ILE B 218 -35.14 -2.03 -30.09
CA ILE B 218 -33.76 -1.59 -30.05
C ILE B 218 -33.68 -0.06 -30.06
N LYS B 219 -34.65 0.59 -30.69
CA LYS B 219 -34.71 2.05 -30.69
C LYS B 219 -33.37 2.72 -31.01
N THR B 220 -32.94 2.58 -32.26
CA THR B 220 -31.74 3.24 -32.75
C THR B 220 -32.04 4.67 -33.10
N VAL B 221 -31.04 5.37 -33.64
CA VAL B 221 -31.21 6.74 -34.09
C VAL B 221 -31.39 6.79 -35.61
N LYS B 222 -32.55 7.28 -36.04
CA LYS B 222 -32.90 7.32 -37.44
C LYS B 222 -33.19 8.76 -37.87
N GLU B 223 -34.25 9.33 -37.30
CA GLU B 223 -34.71 10.67 -37.65
C GLU B 223 -33.61 11.73 -37.65
N ASN B 224 -32.78 11.72 -36.61
CA ASN B 224 -31.72 12.71 -36.41
C ASN B 224 -30.34 12.30 -36.93
N LEU B 225 -30.28 11.17 -37.64
CA LEU B 225 -29.03 10.52 -38.01
C LEU B 225 -27.93 11.43 -38.56
N ASP B 226 -28.28 12.41 -39.39
CA ASP B 226 -27.24 13.24 -40.01
C ASP B 226 -26.45 14.02 -38.97
N GLN B 227 -27.15 14.64 -38.03
CA GLN B 227 -26.49 15.40 -36.96
C GLN B 227 -25.41 14.55 -36.33
N LEU B 228 -25.74 13.28 -36.07
CA LEU B 228 -24.80 12.37 -35.45
C LEU B 228 -23.60 12.14 -36.34
N LYS B 229 -23.87 11.70 -37.56
CA LYS B 229 -22.82 11.32 -38.50
C LYS B 229 -21.76 12.40 -38.64
N ASN B 230 -22.19 13.67 -38.61
CA ASN B 230 -21.25 14.79 -38.70
C ASN B 230 -20.50 15.03 -37.39
N GLN B 231 -21.14 14.71 -36.27
CA GLN B 231 -20.55 14.89 -34.94
C GLN B 231 -19.37 13.96 -34.69
N ILE B 232 -19.56 12.67 -34.93
CA ILE B 232 -18.52 11.67 -34.69
C ILE B 232 -18.27 10.86 -35.95
N GLN B 233 -17.01 10.78 -36.34
CA GLN B 233 -16.65 10.21 -37.63
C GLN B 233 -15.98 8.84 -37.51
N GLU B 234 -16.29 7.96 -38.46
CA GLU B 234 -15.73 6.62 -38.45
C GLU B 234 -14.32 6.68 -39.05
N PRO B 235 -13.46 5.72 -38.67
CA PRO B 235 -12.13 5.67 -39.29
C PRO B 235 -12.20 5.04 -40.66
N CYS B 236 -11.38 5.49 -41.60
CA CYS B 236 -11.28 4.81 -42.89
C CYS B 236 -10.28 3.67 -42.71
N LYS B 237 -10.77 2.44 -42.89
CA LYS B 237 -9.96 1.27 -42.63
C LYS B 237 -8.86 1.05 -43.68
N LYS B 238 -7.62 0.91 -43.22
CA LYS B 238 -6.51 0.67 -44.13
C LYS B 238 -6.14 -0.80 -43.97
N PHE B 239 -5.23 -1.30 -44.80
CA PHE B 239 -4.82 -2.69 -44.79
C PHE B 239 -3.31 -2.78 -45.09
N ALA B 240 -2.58 -3.56 -44.30
CA ALA B 240 -1.13 -3.71 -44.46
C ALA B 240 -0.73 -5.17 -44.56
N ILE B 241 0.23 -5.48 -45.43
CA ILE B 241 0.66 -6.85 -45.66
C ILE B 241 2.16 -6.89 -45.97
N PRO B 249 16.02 -18.83 -42.20
CA PRO B 249 17.30 -18.48 -41.56
C PRO B 249 17.35 -18.85 -40.08
N PHE B 250 16.63 -18.14 -39.22
CA PHE B 250 16.44 -18.56 -37.84
C PHE B 250 15.55 -19.80 -37.84
N LYS B 251 14.55 -19.79 -38.71
CA LYS B 251 13.57 -20.86 -38.77
C LYS B 251 14.20 -22.22 -39.04
N GLU B 252 14.93 -22.36 -40.15
CA GLU B 252 15.56 -23.64 -40.48
C GLU B 252 16.68 -24.01 -39.49
N LYS B 253 17.33 -23.00 -38.92
CA LYS B 253 18.31 -23.22 -37.87
C LYS B 253 17.63 -23.93 -36.70
N LEU B 254 16.42 -23.48 -36.40
CA LEU B 254 15.62 -24.05 -35.34
C LEU B 254 14.87 -25.32 -35.75
N LEU B 255 14.40 -25.37 -36.99
CA LEU B 255 13.55 -26.47 -37.43
C LEU B 255 14.27 -27.80 -37.40
N GLU B 256 15.56 -27.77 -37.73
CA GLU B 256 16.37 -28.99 -37.72
C GLU B 256 16.37 -29.65 -36.34
N ILE B 257 16.38 -28.82 -35.29
CA ILE B 257 16.46 -29.32 -33.92
C ILE B 257 15.25 -30.15 -33.57
N MET B 258 14.07 -29.63 -33.90
CA MET B 258 12.84 -30.28 -33.52
C MET B 258 12.79 -31.64 -34.22
N THR B 259 13.18 -31.70 -35.49
CA THR B 259 13.28 -32.97 -36.22
C THR B 259 14.22 -33.95 -35.52
N ARG B 260 15.31 -33.47 -34.96
CA ARG B 260 16.23 -34.34 -34.22
C ARG B 260 15.63 -34.87 -32.90
N ILE B 261 14.86 -34.03 -32.23
CA ILE B 261 14.17 -34.44 -31.01
C ILE B 261 13.15 -35.50 -31.34
N GLN B 262 12.51 -35.35 -32.50
CA GLN B 262 11.50 -36.30 -32.94
C GLN B 262 12.07 -37.68 -33.17
N THR B 263 13.19 -37.76 -33.87
CA THR B 263 13.83 -39.05 -34.10
C THR B 263 14.25 -39.66 -32.78
N TYR B 264 14.59 -38.82 -31.82
CA TYR B 264 14.92 -39.34 -30.50
C TYR B 264 13.75 -40.07 -29.88
N CYS B 265 12.58 -39.45 -29.96
CA CYS B 265 11.40 -40.02 -29.37
C CYS B 265 10.61 -40.88 -30.36
N GLN B 266 11.09 -40.93 -31.60
CA GLN B 266 10.45 -41.68 -32.69
C GLN B 266 8.99 -41.24 -32.92
N MET B 267 8.79 -39.93 -33.02
CA MET B 267 7.47 -39.33 -33.26
C MET B 267 7.42 -38.62 -34.61
N SER B 268 6.53 -39.07 -35.50
CA SER B 268 6.34 -38.36 -36.76
C SER B 268 4.92 -37.78 -36.80
N PRO B 269 4.80 -36.45 -36.61
CA PRO B 269 3.45 -35.88 -36.61
C PRO B 269 2.93 -35.74 -38.01
N MET B 270 1.62 -35.55 -38.12
CA MET B 270 0.98 -35.31 -39.40
C MET B 270 0.97 -33.81 -39.73
N SER B 271 1.34 -32.98 -38.74
CA SER B 271 1.29 -31.52 -38.88
C SER B 271 2.67 -30.88 -39.09
N ASP B 272 2.68 -29.81 -39.91
CA ASP B 272 3.88 -29.00 -40.16
C ASP B 272 4.30 -28.30 -38.87
N PHE B 273 5.55 -27.88 -38.79
CA PHE B 273 6.01 -27.19 -37.60
C PHE B 273 5.60 -25.73 -37.59
N GLY B 274 5.53 -25.18 -36.39
CA GLY B 274 5.30 -23.77 -36.21
C GLY B 274 3.84 -23.37 -36.31
N THR B 275 2.94 -24.31 -36.08
CA THR B 275 1.50 -24.06 -36.28
C THR B 275 0.64 -24.69 -35.18
N GLN B 276 -0.63 -24.31 -35.16
CA GLN B 276 -1.57 -24.69 -34.10
C GLN B 276 -1.81 -26.19 -33.94
N PRO B 277 -2.10 -26.91 -35.04
CA PRO B 277 -2.38 -28.34 -34.87
C PRO B 277 -1.19 -29.14 -34.30
N TYR B 278 0.03 -28.74 -34.58
CA TYR B 278 1.20 -29.44 -34.04
C TYR B 278 1.32 -29.18 -32.55
N GLU B 279 0.95 -27.98 -32.11
CA GLU B 279 0.87 -27.71 -30.68
C GLU B 279 -0.23 -28.54 -30.05
N GLN B 280 -1.38 -28.59 -30.69
CA GLN B 280 -2.48 -29.36 -30.13
C GLN B 280 -2.10 -30.84 -30.09
N TRP B 281 -1.26 -31.26 -31.03
CA TRP B 281 -0.75 -32.62 -31.03
C TRP B 281 0.25 -32.81 -29.88
N ALA B 282 1.07 -31.80 -29.62
CA ALA B 282 2.04 -31.82 -28.51
C ALA B 282 1.37 -31.83 -27.14
N ILE B 283 0.22 -31.16 -27.03
CA ILE B 283 -0.54 -31.17 -25.80
C ILE B 283 -1.14 -32.55 -25.63
N GLN B 284 -1.88 -33.00 -26.63
CA GLN B 284 -2.52 -34.31 -26.59
C GLN B 284 -1.50 -35.42 -26.36
N MET B 285 -0.29 -35.23 -26.90
CA MET B 285 0.76 -36.24 -26.76
C MET B 285 1.34 -36.25 -25.35
N GLU B 286 1.47 -35.08 -24.75
CA GLU B 286 1.98 -34.99 -23.38
C GLU B 286 1.03 -35.64 -22.39
N LYS B 287 -0.27 -35.37 -22.54
CA LYS B 287 -1.25 -35.91 -21.64
C LYS B 287 -1.23 -37.43 -21.61
N LYS B 288 -1.25 -38.05 -22.79
CA LYS B 288 -1.33 -39.50 -22.85
C LYS B 288 -0.07 -40.25 -22.39
N ALA B 289 1.10 -39.64 -22.56
CA ALA B 289 2.33 -40.28 -22.12
C ALA B 289 2.40 -40.35 -20.58
N ALA B 290 1.85 -39.34 -19.91
CA ALA B 290 1.73 -39.33 -18.46
C ALA B 290 0.78 -40.40 -17.94
N LYS B 291 -0.32 -40.60 -18.65
CA LYS B 291 -1.31 -41.59 -18.24
C LYS B 291 -0.70 -42.99 -18.33
N GLU B 292 -0.02 -43.27 -19.43
CA GLU B 292 0.66 -44.56 -19.59
C GLU B 292 2.05 -44.61 -18.93
N GLY B 293 2.52 -43.47 -18.45
CA GLY B 293 3.68 -43.42 -17.57
C GLY B 293 5.02 -43.73 -18.20
N ASN B 294 5.13 -43.53 -19.52
CA ASN B 294 6.41 -43.71 -20.21
C ASN B 294 7.18 -42.38 -20.34
N ARG B 295 8.30 -42.27 -19.64
CA ARG B 295 9.13 -41.07 -19.76
C ARG B 295 9.86 -41.06 -21.08
N LYS B 296 10.30 -39.86 -21.46
CA LYS B 296 10.90 -39.56 -22.75
C LYS B 296 9.83 -39.35 -23.82
N GLU B 297 8.64 -39.88 -23.62
CA GLU B 297 7.51 -39.48 -24.47
C GLU B 297 6.93 -38.20 -23.87
N ARG B 298 6.97 -38.08 -22.55
CA ARG B 298 6.40 -36.90 -21.89
C ARG B 298 7.29 -35.69 -21.98
N VAL B 299 8.50 -35.81 -21.45
CA VAL B 299 9.40 -34.67 -21.35
C VAL B 299 9.68 -34.09 -22.73
N CYS B 300 9.86 -34.94 -23.73
CA CYS B 300 10.10 -34.48 -25.09
C CYS B 300 8.98 -33.57 -25.62
N ALA B 301 7.73 -34.01 -25.47
CA ALA B 301 6.55 -33.29 -25.96
C ALA B 301 6.43 -31.91 -25.33
N GLU B 302 6.78 -31.84 -24.05
CA GLU B 302 6.79 -30.58 -23.30
C GLU B 302 7.87 -29.64 -23.87
N HIS B 303 9.03 -30.20 -24.17
CA HIS B 303 10.12 -29.46 -24.78
C HIS B 303 9.82 -29.06 -26.22
N LEU B 304 9.07 -29.90 -26.94
CA LEU B 304 8.72 -29.62 -28.32
C LEU B 304 7.72 -28.49 -28.41
N ARG B 305 6.64 -28.55 -27.64
CA ARG B 305 5.67 -27.46 -27.63
C ARG B 305 6.39 -26.17 -27.22
N LYS B 306 7.36 -26.27 -26.31
CA LYS B 306 8.13 -25.09 -25.91
C LYS B 306 8.86 -24.48 -27.12
N TYR B 307 9.49 -25.31 -27.94
CA TYR B 307 10.12 -24.85 -29.19
C TYR B 307 9.08 -24.26 -30.14
N ASN B 308 8.02 -25.02 -30.34
CA ASN B 308 6.97 -24.65 -31.28
C ASN B 308 6.45 -23.25 -31.00
N GLU B 309 6.32 -22.94 -29.72
CA GLU B 309 5.92 -21.61 -29.29
C GLU B 309 6.96 -20.58 -29.74
N ALA B 310 8.24 -20.95 -29.77
CA ALA B 310 9.27 -20.06 -30.29
C ALA B 310 9.12 -19.77 -31.80
N LEU B 311 8.68 -20.77 -32.56
CA LEU B 311 8.41 -20.58 -34.00
C LEU B 311 7.20 -19.67 -34.21
N GLN B 312 6.13 -19.97 -33.50
CA GLN B 312 4.87 -19.25 -33.61
C GLN B 312 5.08 -17.79 -33.24
N ILE B 313 5.91 -17.57 -32.23
CA ILE B 313 6.23 -16.21 -31.81
C ILE B 313 7.23 -15.57 -32.76
N ASN B 314 8.14 -16.37 -33.29
CA ASN B 314 9.15 -15.86 -34.25
C ASN B 314 8.53 -15.23 -35.49
N ASP B 315 7.39 -15.73 -35.93
CA ASP B 315 6.68 -15.16 -37.07
C ASP B 315 6.11 -13.77 -36.75
N THR B 316 5.52 -13.62 -35.56
CA THR B 316 4.79 -12.39 -35.21
C THR B 316 5.63 -11.28 -34.56
N ILE B 317 6.85 -11.59 -34.11
CA ILE B 317 7.75 -10.60 -33.51
C ILE B 317 9.20 -10.99 -33.76
N ARG B 318 10.11 -10.07 -33.52
CA ARG B 318 11.53 -10.28 -33.78
C ARG B 318 12.08 -11.53 -33.09
N MET B 319 13.06 -12.16 -33.74
CA MET B 319 13.62 -13.44 -33.31
C MET B 319 14.22 -13.45 -31.90
N ILE B 320 14.51 -12.27 -31.34
CA ILE B 320 15.15 -12.21 -30.03
C ILE B 320 14.22 -12.78 -28.97
N ASP B 321 12.93 -12.54 -29.12
CA ASP B 321 11.95 -13.04 -28.17
C ASP B 321 11.78 -14.53 -28.33
N ALA B 322 11.87 -15.01 -29.56
CA ALA B 322 11.81 -16.44 -29.81
C ALA B 322 12.93 -17.12 -29.04
N TYR B 323 14.12 -16.50 -29.09
CA TYR B 323 15.28 -17.05 -28.41
C TYR B 323 15.16 -16.98 -26.89
N THR B 324 14.86 -15.80 -26.36
CA THR B 324 14.78 -15.63 -24.91
C THR B 324 13.70 -16.53 -24.33
N HIS B 325 12.68 -16.85 -25.13
CA HIS B 325 11.63 -17.73 -24.66
C HIS B 325 12.19 -19.10 -24.36
N LEU B 326 13.14 -19.55 -25.17
CA LEU B 326 13.82 -20.83 -24.93
C LEU B 326 14.93 -20.74 -23.89
N GLU B 327 15.60 -19.60 -23.81
CA GLU B 327 16.61 -19.39 -22.77
C GLU B 327 15.96 -19.50 -21.39
N THR B 328 14.87 -18.76 -21.18
CA THR B 328 14.21 -18.71 -19.87
C THR B 328 13.62 -20.05 -19.47
N PHE B 329 13.09 -20.80 -20.44
CA PHE B 329 12.56 -22.14 -20.19
C PHE B 329 13.64 -23.09 -19.67
N TYR B 330 14.74 -23.20 -20.42
CA TYR B 330 15.82 -24.12 -20.07
C TYR B 330 16.59 -23.71 -18.81
N ASN B 331 16.81 -22.42 -18.62
CA ASN B 331 17.51 -21.94 -17.43
C ASN B 331 16.77 -22.33 -16.16
N GLU B 332 15.45 -22.32 -16.20
CA GLU B 332 14.64 -22.80 -15.08
C GLU B 332 14.74 -24.31 -14.97
N GLU B 333 14.89 -25.00 -16.09
CA GLU B 333 15.09 -26.44 -16.07
C GLU B 333 16.48 -26.79 -15.53
N LYS B 334 17.44 -25.88 -15.67
CA LYS B 334 18.76 -26.09 -15.10
C LYS B 334 18.66 -26.10 -13.59
N ASP B 335 17.94 -25.12 -13.04
CA ASP B 335 17.77 -25.05 -11.59
C ASP B 335 16.85 -26.13 -11.05
N LYS B 336 15.78 -26.41 -11.77
CA LYS B 336 14.85 -27.47 -11.37
C LYS B 336 15.56 -28.82 -11.27
N LYS B 337 16.26 -29.20 -12.33
CA LYS B 337 16.93 -30.50 -12.40
C LYS B 337 18.21 -30.58 -11.56
N PHE B 338 18.95 -29.48 -11.47
CA PHE B 338 20.17 -29.44 -10.67
C PHE B 338 19.85 -29.24 -9.19
N LEU B 351 19.87 -35.61 -13.81
CA LEU B 351 20.69 -36.80 -14.01
C LEU B 351 20.09 -37.74 -15.05
N ASP B 352 18.86 -37.46 -15.47
CA ASP B 352 18.17 -38.32 -16.42
C ASP B 352 18.80 -38.25 -17.80
N GLU B 353 18.76 -39.36 -18.54
CA GLU B 353 19.43 -39.45 -19.85
C GLU B 353 18.77 -38.57 -20.91
N THR B 354 17.47 -38.35 -20.79
CA THR B 354 16.76 -37.55 -21.79
C THR B 354 17.02 -36.09 -21.47
N ASP B 355 16.90 -35.72 -20.20
CA ASP B 355 17.11 -34.33 -19.79
C ASP B 355 18.51 -33.91 -20.21
N ARG B 356 19.43 -34.87 -20.27
CA ARG B 356 20.78 -34.61 -20.74
C ARG B 356 20.82 -34.31 -22.25
N PHE B 357 20.16 -35.14 -23.07
CA PHE B 357 20.08 -34.91 -24.51
C PHE B 357 19.41 -33.60 -24.82
N LEU B 358 18.35 -33.29 -24.09
CA LEU B 358 17.58 -32.09 -24.37
C LEU B 358 18.43 -30.87 -24.04
N MET B 359 19.12 -30.91 -22.90
CA MET B 359 19.92 -29.75 -22.48
C MET B 359 21.17 -29.58 -23.33
N THR B 360 21.91 -30.65 -23.57
CA THR B 360 23.17 -30.54 -24.28
C THR B 360 23.05 -29.98 -25.67
N LEU B 361 22.05 -30.43 -26.42
CA LEU B 361 21.83 -29.95 -27.78
C LEU B 361 21.33 -28.51 -27.80
N PHE B 362 20.55 -28.11 -26.79
CA PHE B 362 20.11 -26.73 -26.75
C PHE B 362 21.28 -25.85 -26.36
N PHE B 363 22.05 -26.28 -25.36
CA PHE B 363 23.11 -25.44 -24.82
C PHE B 363 24.30 -25.33 -25.78
N GLU B 364 24.45 -26.33 -26.66
CA GLU B 364 25.43 -26.24 -27.73
C GLU B 364 24.91 -25.28 -28.83
N ASN B 365 23.60 -25.29 -29.06
CA ASN B 365 22.97 -24.42 -30.06
C ASN B 365 22.55 -23.00 -29.59
N ASN B 366 22.60 -22.72 -28.28
CA ASN B 366 22.15 -21.42 -27.77
C ASN B 366 22.98 -20.26 -28.33
N LYS B 367 24.30 -20.43 -28.32
CA LYS B 367 25.20 -19.39 -28.81
C LYS B 367 24.96 -19.13 -30.29
N MET B 368 24.74 -20.20 -31.05
CA MET B 368 24.50 -20.07 -32.48
C MET B 368 23.23 -19.26 -32.70
N LEU B 369 22.12 -19.69 -32.11
CA LEU B 369 20.84 -19.04 -32.35
C LEU B 369 20.81 -17.58 -31.87
N LYS B 370 21.48 -17.30 -30.75
CA LYS B 370 21.51 -15.94 -30.22
C LYS B 370 22.18 -14.97 -31.21
N ARG B 371 23.20 -15.45 -31.91
CA ARG B 371 23.86 -14.65 -32.92
C ARG B 371 22.84 -14.36 -34.02
N LEU B 372 22.15 -15.42 -34.44
CA LEU B 372 21.12 -15.33 -35.48
C LEU B 372 19.95 -14.45 -35.04
N ALA B 373 19.70 -14.36 -33.74
CA ALA B 373 18.57 -13.57 -33.26
C ALA B 373 18.74 -12.10 -33.63
N GLU B 374 19.92 -11.55 -33.40
CA GLU B 374 20.13 -10.12 -33.67
C GLU B 374 20.82 -9.93 -35.00
N ASN B 375 20.02 -9.61 -36.02
CA ASN B 375 20.50 -9.24 -37.34
C ASN B 375 19.48 -8.29 -37.99
N PRO B 376 19.89 -7.51 -39.01
CA PRO B 376 18.92 -6.62 -39.66
C PRO B 376 17.76 -7.35 -40.33
N ASN B 380 11.83 -7.67 -40.69
CA ASN B 380 11.40 -8.76 -39.82
C ASN B 380 9.93 -9.13 -40.03
N GLU B 381 9.51 -9.27 -41.28
CA GLU B 381 8.15 -9.71 -41.61
C GLU B 381 7.02 -8.73 -41.21
N LYS B 382 6.09 -9.17 -40.37
CA LYS B 382 4.97 -8.33 -39.95
C LYS B 382 5.47 -7.18 -39.09
N LEU B 383 6.49 -7.47 -38.31
CA LEU B 383 7.10 -6.51 -37.41
C LEU B 383 7.62 -5.27 -38.14
N THR B 384 8.26 -5.48 -39.28
CA THR B 384 8.84 -4.36 -40.01
C THR B 384 7.77 -3.58 -40.78
N LYS B 385 6.70 -4.23 -41.17
CA LYS B 385 5.56 -3.50 -41.72
C LYS B 385 4.93 -2.62 -40.64
N LEU B 386 4.98 -3.07 -39.39
CA LEU B 386 4.45 -2.26 -38.30
C LEU B 386 5.27 -1.00 -38.01
N ARG B 387 6.56 -1.02 -38.33
CA ARG B 387 7.42 0.15 -38.08
C ARG B 387 7.03 1.26 -39.02
N ASN B 388 6.80 0.89 -40.28
CA ASN B 388 6.41 1.84 -41.31
C ASN B 388 5.07 2.43 -40.92
N THR B 389 4.18 1.56 -40.46
CA THR B 389 2.83 1.97 -40.10
C THR B 389 2.90 3.12 -39.09
N ILE B 390 3.74 2.97 -38.07
CA ILE B 390 3.85 3.99 -37.03
C ILE B 390 4.56 5.23 -37.55
N MET B 391 5.57 5.03 -38.38
CA MET B 391 6.33 6.15 -38.89
C MET B 391 5.43 7.08 -39.69
N GLU B 392 4.46 6.50 -40.39
CA GLU B 392 3.55 7.27 -41.24
C GLU B 392 2.65 8.23 -40.47
N GLN B 393 2.26 7.87 -39.25
CA GLN B 393 1.34 8.72 -38.49
C GLN B 393 1.98 9.99 -37.94
N TYR B 394 3.27 9.94 -37.58
CA TYR B 394 3.91 11.13 -37.03
C TYR B 394 4.14 12.22 -38.06
N THR B 395 4.47 11.83 -39.29
CA THR B 395 4.76 12.81 -40.34
C THR B 395 3.52 13.59 -40.73
N ARG B 396 2.39 12.90 -40.80
CA ARG B 396 1.14 13.53 -41.19
C ARG B 396 0.74 14.62 -40.21
N THR B 397 0.64 14.25 -38.93
CA THR B 397 0.13 15.16 -37.88
C THR B 397 1.19 15.48 -36.82
N GLU B 398 1.03 16.64 -36.19
CA GLU B 398 2.00 17.16 -35.22
C GLU B 398 2.46 16.16 -34.17
N GLU B 399 1.51 15.49 -33.52
CA GLU B 399 1.83 14.55 -32.46
C GLU B 399 1.41 13.14 -32.87
N SER B 400 2.31 12.18 -32.66
CA SER B 400 2.08 10.80 -33.10
C SER B 400 1.13 10.08 -32.16
N ALA B 401 0.97 10.59 -30.93
CA ALA B 401 0.29 9.76 -29.97
C ALA B 401 -1.18 10.01 -29.97
N ARG B 402 -1.88 9.27 -30.83
CA ARG B 402 -3.24 8.87 -30.59
C ARG B 402 -3.25 7.36 -30.48
N GLY B 403 -2.07 6.74 -30.65
CA GLY B 403 -1.97 5.33 -30.97
C GLY B 403 -2.30 4.26 -29.95
N ILE B 404 -2.89 3.19 -30.47
CA ILE B 404 -3.20 2.00 -29.71
C ILE B 404 -3.00 0.79 -30.62
N ILE B 405 -2.30 -0.22 -30.13
CA ILE B 405 -2.07 -1.45 -30.90
C ILE B 405 -2.84 -2.58 -30.23
N PHE B 406 -3.21 -3.59 -31.01
CA PHE B 406 -3.90 -4.75 -30.47
C PHE B 406 -3.13 -6.02 -30.84
N THR B 407 -2.91 -6.89 -29.86
CA THR B 407 -2.19 -8.13 -30.07
C THR B 407 -2.81 -9.30 -29.33
N LYS B 408 -2.61 -10.50 -29.87
CA LYS B 408 -3.26 -11.70 -29.33
C LYS B 408 -2.72 -12.07 -27.95
N THR B 409 -1.39 -12.20 -27.84
CA THR B 409 -0.79 -12.81 -26.65
C THR B 409 -0.12 -11.77 -25.78
N ARG B 410 -0.06 -12.04 -24.47
CA ARG B 410 0.52 -11.09 -23.53
C ARG B 410 2.01 -10.94 -23.77
N GLN B 411 2.69 -12.05 -24.07
CA GLN B 411 4.10 -12.02 -24.40
C GLN B 411 4.32 -11.03 -25.52
N SER B 412 3.44 -11.06 -26.51
CA SER B 412 3.57 -10.18 -27.66
C SER B 412 3.46 -8.71 -27.23
N ALA B 413 2.58 -8.42 -26.29
CA ALA B 413 2.39 -7.04 -25.87
C ALA B 413 3.67 -6.48 -25.27
N TYR B 414 4.25 -7.23 -24.34
CA TYR B 414 5.46 -6.77 -23.67
C TYR B 414 6.64 -6.69 -24.64
N ALA B 415 6.69 -7.64 -25.57
CA ALA B 415 7.80 -7.70 -26.51
C ALA B 415 7.78 -6.54 -27.50
N LEU B 416 6.59 -6.11 -27.90
CA LEU B 416 6.47 -5.00 -28.84
C LEU B 416 6.93 -3.72 -28.15
N SER B 417 6.41 -3.46 -26.95
CA SER B 417 6.76 -2.26 -26.21
C SER B 417 8.27 -2.11 -26.10
N GLN B 418 8.95 -3.16 -25.67
CA GLN B 418 10.41 -3.18 -25.56
C GLN B 418 11.08 -3.01 -26.92
N TRP B 419 10.42 -3.50 -27.98
CA TRP B 419 10.93 -3.30 -29.33
C TRP B 419 10.86 -1.82 -29.75
N ILE B 420 9.85 -1.10 -29.26
CA ILE B 420 9.71 0.33 -29.56
C ILE B 420 10.67 1.18 -28.74
N THR B 421 11.04 0.74 -27.54
CA THR B 421 12.01 1.49 -26.75
C THR B 421 13.39 1.47 -27.41
N GLU B 422 13.74 0.32 -27.97
CA GLU B 422 14.96 0.16 -28.77
C GLU B 422 14.69 0.70 -30.18
N ASN B 423 15.61 0.47 -31.12
CA ASN B 423 15.33 0.76 -32.52
C ASN B 423 15.13 2.26 -32.75
N GLU B 424 16.01 3.08 -32.17
CA GLU B 424 15.98 4.50 -32.43
C GLU B 424 16.34 4.73 -33.90
N LYS B 425 15.70 5.70 -34.59
CA LYS B 425 14.77 6.64 -33.99
C LYS B 425 13.34 6.16 -34.02
N PHE B 426 12.82 5.92 -32.82
CA PHE B 426 11.42 5.94 -32.53
C PHE B 426 11.20 7.27 -31.84
N ALA B 427 12.18 8.16 -31.95
CA ALA B 427 12.45 9.21 -30.98
C ALA B 427 11.23 10.03 -30.60
N GLU B 428 10.17 9.94 -31.41
CA GLU B 428 8.89 10.55 -31.08
C GLU B 428 8.19 9.69 -30.02
N VAL B 429 7.84 8.47 -30.40
CA VAL B 429 7.25 7.50 -29.48
C VAL B 429 8.36 6.64 -28.85
N LYS B 432 8.21 6.18 -24.98
CA LYS B 432 6.86 6.44 -24.49
C LYS B 432 5.85 5.47 -25.12
N ALA B 433 6.14 4.18 -24.94
CA ALA B 433 5.25 3.12 -25.38
C ALA B 433 5.12 2.13 -24.22
N HIS B 434 3.89 1.76 -23.88
CA HIS B 434 3.66 0.96 -22.69
C HIS B 434 2.61 -0.09 -23.00
N HIS B 435 2.50 -1.11 -22.15
CA HIS B 435 1.60 -2.24 -22.41
C HIS B 435 0.43 -2.33 -21.42
N LEU B 436 -0.66 -2.96 -21.87
CA LEU B 436 -1.84 -3.23 -21.07
C LEU B 436 -2.07 -4.74 -21.09
N ILE B 437 -2.40 -5.33 -19.94
CA ILE B 437 -2.61 -6.78 -19.88
C ILE B 437 -4.00 -7.17 -19.34
N GLY B 438 -4.17 -7.19 -18.04
CA GLY B 438 -5.41 -7.66 -17.43
C GLY B 438 -5.12 -8.18 -16.04
N ALA B 439 -6.17 -8.42 -15.24
CA ALA B 439 -5.95 -8.87 -13.87
C ALA B 439 -5.89 -10.39 -13.74
N GLY B 440 -6.37 -11.10 -14.77
CA GLY B 440 -6.49 -12.55 -14.69
C GLY B 440 -5.22 -13.30 -15.03
N HIS B 441 -5.04 -14.44 -14.38
CA HIS B 441 -3.88 -15.30 -14.58
C HIS B 441 -4.39 -16.60 -15.18
N SER B 442 -4.08 -16.84 -16.45
CA SER B 442 -4.49 -18.07 -17.10
C SER B 442 -3.34 -19.09 -17.15
N SER B 443 -2.27 -18.71 -17.83
CA SER B 443 -1.09 -19.56 -17.97
C SER B 443 0.20 -18.89 -17.53
N GLU B 444 0.58 -17.84 -18.24
CA GLU B 444 1.89 -17.23 -18.09
C GLU B 444 1.81 -15.78 -17.61
N PHE B 445 2.98 -15.18 -17.43
CA PHE B 445 3.21 -13.77 -17.14
C PHE B 445 2.65 -13.44 -15.75
N LYS B 446 2.57 -12.15 -15.42
CA LYS B 446 1.97 -11.68 -14.19
C LYS B 446 0.85 -10.74 -14.56
N PRO B 447 -0.39 -11.02 -14.13
CA PRO B 447 -1.36 -9.97 -14.48
C PRO B 447 -0.99 -8.67 -13.79
N MET B 448 -1.20 -7.54 -14.45
CA MET B 448 -0.98 -6.25 -13.81
C MET B 448 -2.22 -5.91 -12.99
N THR B 449 -2.02 -5.18 -11.90
CA THR B 449 -3.13 -4.87 -10.99
C THR B 449 -4.07 -3.86 -11.61
N GLN B 450 -5.29 -3.81 -11.07
CA GLN B 450 -6.31 -2.91 -11.57
C GLN B 450 -5.79 -1.48 -11.40
N ASN B 451 -5.08 -1.23 -10.30
CA ASN B 451 -4.41 0.06 -10.07
C ASN B 451 -3.33 0.39 -11.12
N GLU B 452 -2.55 -0.62 -11.54
CA GLU B 452 -1.52 -0.40 -12.55
C GLU B 452 -2.15 -0.08 -13.89
N GLN B 453 -3.34 -0.62 -14.14
CA GLN B 453 -4.09 -0.25 -15.33
C GLN B 453 -4.43 1.23 -15.25
N LYS B 454 -4.98 1.67 -14.12
CA LYS B 454 -5.28 3.10 -13.94
C LYS B 454 -4.07 4.01 -14.12
N GLU B 455 -2.88 3.51 -13.82
CA GLU B 455 -1.66 4.30 -14.04
C GLU B 455 -1.46 4.55 -15.53
N VAL B 456 -1.58 3.51 -16.34
CA VAL B 456 -1.34 3.64 -17.78
C VAL B 456 -2.46 4.43 -18.46
N ILE B 457 -3.70 4.19 -18.08
CA ILE B 457 -4.84 4.85 -18.70
C ILE B 457 -4.85 6.34 -18.38
N SER B 458 -4.57 6.68 -17.13
CA SER B 458 -4.55 8.08 -16.73
C SER B 458 -3.35 8.82 -17.30
N LYS B 459 -2.23 8.12 -17.48
CA LYS B 459 -1.08 8.77 -18.09
C LYS B 459 -1.29 8.95 -19.60
N PHE B 460 -1.96 8.00 -20.25
CA PHE B 460 -2.23 8.11 -21.68
C PHE B 460 -3.23 9.23 -21.93
N ARG B 461 -4.16 9.41 -21.00
CA ARG B 461 -5.11 10.51 -21.07
C ARG B 461 -4.40 11.86 -20.97
N THR B 462 -3.33 11.93 -20.17
CA THR B 462 -2.51 13.13 -20.08
C THR B 462 -1.23 13.06 -20.93
N GLY B 463 -0.95 11.89 -21.51
CA GLY B 463 0.27 11.67 -22.27
C GLY B 463 1.53 11.85 -21.45
N LYS B 464 1.58 11.20 -20.28
CA LYS B 464 2.65 11.45 -19.31
C LYS B 464 4.02 11.00 -19.80
N LEU B 467 2.65 9.46 -22.44
CA LEU B 467 2.54 8.18 -23.11
C LEU B 467 2.05 8.32 -24.54
N LEU B 468 2.89 7.90 -25.48
CA LEU B 468 2.53 8.04 -26.88
C LEU B 468 1.68 6.91 -27.49
N ILE B 469 2.00 5.66 -27.15
CA ILE B 469 1.32 4.50 -27.73
C ILE B 469 1.12 3.35 -26.74
N ALA B 470 -0.10 2.81 -26.67
CA ALA B 470 -0.39 1.71 -25.76
C ALA B 470 -0.68 0.44 -26.58
N THR B 471 -0.30 -0.71 -26.05
CA THR B 471 -0.52 -1.97 -26.74
C THR B 471 -1.33 -2.90 -25.85
N THR B 472 -2.51 -3.29 -26.30
CA THR B 472 -3.50 -3.93 -25.43
C THR B 472 -4.13 -5.15 -26.07
N VAL B 473 -4.58 -6.07 -25.23
CA VAL B 473 -5.45 -7.14 -25.69
C VAL B 473 -6.93 -6.93 -25.26
N ALA B 474 -7.17 -5.91 -24.43
CA ALA B 474 -8.53 -5.58 -23.98
C ALA B 474 -9.25 -4.65 -24.97
N GLU B 475 -10.33 -5.14 -25.58
CA GLU B 475 -11.06 -4.37 -26.60
C GLU B 475 -12.03 -3.30 -26.11
N GLU B 476 -12.69 -3.55 -24.98
CA GLU B 476 -13.84 -2.75 -24.57
C GLU B 476 -13.86 -2.43 -23.07
N GLY B 477 -14.50 -1.30 -22.74
CA GLY B 477 -14.84 -0.97 -21.37
C GLY B 477 -13.95 0.01 -20.63
N LEU B 478 -12.78 0.34 -21.17
CA LEU B 478 -11.92 1.36 -20.56
C LEU B 478 -11.86 2.57 -21.49
N ASP B 479 -12.15 3.74 -20.92
CA ASP B 479 -12.35 4.92 -21.74
C ASP B 479 -11.16 5.84 -21.89
N ILE B 480 -10.71 6.00 -23.13
CA ILE B 480 -9.85 7.12 -23.49
C ILE B 480 -10.13 7.53 -24.93
N LYS B 481 -10.01 8.83 -25.22
CA LYS B 481 -10.44 9.41 -26.50
C LYS B 481 -9.30 10.05 -27.27
N GLU B 482 -9.65 10.60 -28.44
CA GLU B 482 -8.70 11.22 -29.37
C GLU B 482 -7.69 10.18 -29.86
N CYS B 483 -8.20 9.03 -30.24
CA CYS B 483 -7.39 7.95 -30.78
C CYS B 483 -7.38 8.01 -32.31
N ASN B 484 -6.23 7.68 -32.91
CA ASN B 484 -6.03 7.81 -34.35
C ASN B 484 -5.65 6.50 -35.02
N ILE B 485 -4.50 5.97 -34.64
CA ILE B 485 -3.93 4.88 -35.41
C ILE B 485 -4.71 3.57 -35.24
N VAL B 486 -5.05 3.20 -34.01
CA VAL B 486 -5.85 2.01 -33.72
C VAL B 486 -5.46 0.80 -34.59
N ILE B 487 -4.25 0.30 -34.39
CA ILE B 487 -3.75 -0.83 -35.17
C ILE B 487 -4.26 -2.11 -34.57
N ARG B 488 -4.61 -3.07 -35.42
CA ARG B 488 -4.87 -4.42 -34.99
C ARG B 488 -3.81 -5.30 -35.63
N TYR B 489 -3.01 -5.94 -34.80
CA TYR B 489 -1.88 -6.71 -35.26
C TYR B 489 -2.22 -8.17 -35.06
N GLY B 490 -2.55 -8.87 -36.14
CA GLY B 490 -2.81 -10.30 -36.12
C GLY B 490 -4.01 -10.89 -35.35
N LEU B 491 -5.05 -10.11 -35.03
CA LEU B 491 -6.22 -10.65 -34.30
C LEU B 491 -7.58 -10.50 -34.99
N VAL B 492 -8.30 -11.62 -35.04
CA VAL B 492 -9.59 -11.74 -35.73
C VAL B 492 -10.78 -11.29 -34.89
N THR B 493 -10.71 -11.67 -33.61
CA THR B 493 -11.74 -11.35 -32.63
C THR B 493 -13.16 -11.69 -33.04
N ASN B 494 -14.09 -10.82 -32.66
CA ASN B 494 -15.49 -11.04 -32.90
C ASN B 494 -16.07 -9.76 -33.48
N GLU B 495 -17.23 -9.83 -34.14
CA GLU B 495 -17.82 -8.64 -34.75
C GLU B 495 -18.18 -7.54 -33.75
N ILE B 496 -18.57 -7.91 -32.53
CA ILE B 496 -18.95 -6.93 -31.50
C ILE B 496 -17.71 -6.23 -30.96
N ALA B 497 -16.63 -6.98 -30.85
CA ALA B 497 -15.36 -6.43 -30.39
C ALA B 497 -14.77 -5.48 -31.42
N MET B 498 -15.02 -5.74 -32.69
CA MET B 498 -14.53 -4.87 -33.76
C MET B 498 -15.11 -3.45 -33.66
N VAL B 499 -16.41 -3.36 -33.42
CA VAL B 499 -17.08 -2.06 -33.35
C VAL B 499 -16.48 -1.25 -32.21
N GLN B 500 -16.25 -1.92 -31.08
CA GLN B 500 -15.68 -1.29 -29.88
C GLN B 500 -14.26 -0.80 -30.19
N ALA B 501 -13.50 -1.62 -30.91
CA ALA B 501 -12.10 -1.33 -31.20
C ALA B 501 -11.90 -0.08 -32.04
N ARG B 502 -12.76 0.12 -33.06
CA ARG B 502 -12.63 1.26 -33.96
C ARG B 502 -12.57 2.60 -33.22
N GLY B 503 -13.38 2.75 -32.17
CA GLY B 503 -13.45 4.01 -31.44
C GLY B 503 -12.15 4.39 -30.75
N ASP B 508 -12.29 11.68 -35.05
CA ASP B 508 -12.35 12.65 -36.14
C ASP B 508 -11.44 12.27 -37.31
N GLU B 509 -10.13 12.19 -37.04
CA GLU B 509 -9.15 11.87 -38.08
C GLU B 509 -8.80 10.39 -38.12
N SER B 510 -9.56 9.58 -37.40
CA SER B 510 -9.16 8.20 -37.12
C SER B 510 -8.90 7.38 -38.37
N THR B 511 -7.97 6.43 -38.23
CA THR B 511 -7.58 5.51 -39.28
C THR B 511 -7.50 4.12 -38.66
N TYR B 512 -8.12 3.12 -39.28
CA TYR B 512 -8.19 1.78 -38.66
C TYR B 512 -7.44 0.72 -39.50
N VAL B 513 -6.27 0.29 -39.05
CA VAL B 513 -5.35 -0.50 -39.89
C VAL B 513 -5.15 -1.93 -39.39
N LEU B 514 -5.02 -2.88 -40.31
CA LEU B 514 -4.86 -4.29 -39.97
C LEU B 514 -3.63 -4.94 -40.60
N VAL B 515 -2.68 -5.36 -39.75
CA VAL B 515 -1.45 -5.98 -40.23
C VAL B 515 -1.58 -7.50 -40.34
N ALA B 516 -1.43 -8.03 -41.54
CA ALA B 516 -1.71 -9.43 -41.84
C ALA B 516 -0.60 -10.10 -42.67
N HIS B 517 -0.56 -11.44 -42.62
CA HIS B 517 0.38 -12.20 -43.43
C HIS B 517 -0.14 -12.28 -44.85
N SER B 518 0.78 -12.44 -45.80
CA SER B 518 0.45 -12.37 -47.22
C SER B 518 -0.64 -13.36 -47.63
N GLY B 519 -0.40 -14.64 -47.43
CA GLY B 519 -1.42 -15.63 -47.73
C GLY B 519 -2.31 -15.88 -46.55
N SER B 520 -3.57 -16.22 -46.82
CA SER B 520 -4.51 -16.67 -45.80
C SER B 520 -4.51 -15.74 -44.58
N GLY B 521 -4.55 -16.30 -43.38
CA GLY B 521 -4.48 -15.49 -42.18
C GLY B 521 -5.78 -14.82 -41.78
N VAL B 522 -5.63 -13.66 -41.17
CA VAL B 522 -6.75 -12.89 -40.62
C VAL B 522 -7.66 -12.17 -41.62
N ILE B 523 -7.13 -11.70 -42.74
CA ILE B 523 -7.90 -10.81 -43.62
C ILE B 523 -9.25 -11.42 -43.99
N GLU B 524 -9.29 -12.73 -44.14
CA GLU B 524 -10.53 -13.41 -44.49
C GLU B 524 -11.42 -13.49 -43.25
N ARG B 525 -10.82 -13.68 -42.08
CA ARG B 525 -11.59 -13.73 -40.83
C ARG B 525 -12.11 -12.34 -40.45
N GLU B 526 -11.39 -11.29 -40.84
CA GLU B 526 -11.80 -9.90 -40.60
C GLU B 526 -12.92 -9.53 -41.53
N THR B 527 -12.82 -10.01 -42.76
CA THR B 527 -13.85 -9.75 -43.77
C THR B 527 -15.20 -10.25 -43.31
N VAL B 528 -15.24 -11.46 -42.76
CA VAL B 528 -16.52 -12.04 -42.36
C VAL B 528 -17.08 -11.17 -41.26
N ASN B 529 -16.22 -10.67 -40.39
CA ASN B 529 -16.62 -9.69 -39.40
C ASN B 529 -17.23 -8.44 -40.05
N ASP B 530 -16.64 -7.96 -41.14
CA ASP B 530 -17.18 -6.77 -41.83
C ASP B 530 -18.60 -7.08 -42.25
N PHE B 531 -18.78 -8.25 -42.85
CA PHE B 531 -20.08 -8.67 -43.34
C PHE B 531 -21.04 -8.83 -42.18
N ARG B 532 -20.55 -9.38 -41.07
CA ARG B 532 -21.39 -9.63 -39.92
C ARG B 532 -21.97 -8.34 -39.39
N GLU B 533 -21.14 -7.30 -39.33
CA GLU B 533 -21.61 -6.02 -38.85
C GLU B 533 -22.65 -5.43 -39.78
N LYS B 534 -22.41 -5.46 -41.09
CA LYS B 534 -23.37 -4.86 -42.02
C LYS B 534 -24.75 -5.51 -41.94
N MET B 535 -24.79 -6.81 -41.67
CA MET B 535 -26.07 -7.50 -41.51
C MET B 535 -26.66 -7.23 -40.13
N MET B 536 -25.80 -6.97 -39.15
CA MET B 536 -26.29 -6.66 -37.83
C MET B 536 -27.23 -5.46 -37.91
N TYR B 537 -26.91 -4.48 -38.75
CA TYR B 537 -27.72 -3.27 -38.83
C TYR B 537 -29.06 -3.57 -39.48
N LYS B 538 -29.05 -4.35 -40.55
CA LYS B 538 -30.28 -4.72 -41.21
C LYS B 538 -31.08 -5.65 -40.32
N ALA B 539 -30.39 -6.41 -39.46
CA ALA B 539 -31.04 -7.35 -38.56
C ALA B 539 -31.76 -6.65 -37.40
N ILE B 540 -31.14 -5.60 -36.87
CA ILE B 540 -31.75 -4.78 -35.82
C ILE B 540 -32.81 -3.85 -36.40
N HIS B 541 -32.82 -3.67 -37.71
CA HIS B 541 -33.86 -2.88 -38.36
C HIS B 541 -35.15 -3.70 -38.46
N CYS B 542 -35.06 -4.97 -38.83
CA CYS B 542 -36.27 -5.77 -39.01
C CYS B 542 -37.12 -5.86 -37.75
N VAL B 543 -36.48 -5.85 -36.58
CA VAL B 543 -37.18 -6.03 -35.31
C VAL B 543 -37.90 -4.77 -34.82
N GLN B 544 -37.53 -3.60 -35.33
CA GLN B 544 -38.16 -2.35 -34.97
C GLN B 544 -39.49 -2.18 -35.70
N ASN B 545 -39.45 -2.46 -37.00
CA ASN B 545 -40.61 -2.29 -37.88
C ASN B 545 -41.48 -3.55 -37.98
N MET B 546 -41.13 -4.60 -37.22
CA MET B 546 -41.99 -5.77 -37.13
C MET B 546 -43.28 -5.33 -36.44
N LYS B 547 -44.41 -5.85 -36.89
CA LYS B 547 -45.71 -5.44 -36.34
C LYS B 547 -45.80 -5.80 -34.86
N PRO B 548 -46.37 -4.91 -34.02
CA PRO B 548 -46.38 -5.20 -32.59
C PRO B 548 -47.04 -6.52 -32.20
N GLU B 549 -48.12 -6.88 -32.88
CA GLU B 549 -48.80 -8.14 -32.60
C GLU B 549 -47.86 -9.33 -32.84
N GLU B 550 -47.09 -9.26 -33.93
CA GLU B 550 -46.20 -10.36 -34.29
C GLU B 550 -45.05 -10.45 -33.28
N TYR B 551 -44.46 -9.30 -32.98
CA TYR B 551 -43.26 -9.22 -32.14
C TYR B 551 -43.49 -9.70 -30.70
N ALA B 552 -44.57 -9.24 -30.08
CA ALA B 552 -44.81 -9.58 -28.68
C ALA B 552 -45.06 -11.07 -28.48
N HIS B 553 -45.83 -11.68 -29.36
CA HIS B 553 -46.14 -13.10 -29.21
C HIS B 553 -44.89 -13.96 -29.36
N LYS B 554 -44.00 -13.59 -30.27
CA LYS B 554 -42.77 -14.34 -30.48
C LYS B 554 -41.75 -14.10 -29.37
N ILE B 555 -41.65 -12.85 -28.91
CA ILE B 555 -40.69 -12.53 -27.85
C ILE B 555 -41.06 -13.23 -26.56
N LEU B 556 -42.36 -13.35 -26.30
CA LEU B 556 -42.81 -14.01 -25.09
C LEU B 556 -42.40 -15.47 -25.10
N GLU B 557 -42.54 -16.13 -26.24
CA GLU B 557 -42.17 -17.54 -26.36
C GLU B 557 -40.65 -17.78 -26.26
N LEU B 558 -39.84 -16.81 -26.68
CA LEU B 558 -38.39 -16.88 -26.45
C LEU B 558 -38.10 -16.79 -24.96
N GLN B 559 -38.85 -15.94 -24.27
CA GLN B 559 -38.75 -15.79 -22.82
C GLN B 559 -39.24 -17.04 -22.11
N MET B 560 -40.38 -17.57 -22.57
CA MET B 560 -41.02 -18.72 -21.96
C MET B 560 -40.10 -19.94 -22.06
N GLN B 561 -39.32 -20.00 -23.14
CA GLN B 561 -38.33 -21.06 -23.34
C GLN B 561 -37.06 -20.81 -22.53
N SER B 562 -36.68 -19.54 -22.40
CA SER B 562 -35.45 -19.18 -21.70
C SER B 562 -35.48 -19.63 -20.25
N ILE B 563 -36.66 -19.62 -19.64
CA ILE B 563 -36.78 -20.03 -18.25
C ILE B 563 -36.64 -21.55 -18.12
N MET B 564 -37.09 -22.31 -19.12
CA MET B 564 -37.01 -23.77 -19.03
C MET B 564 -35.56 -24.25 -18.86
N GLU B 565 -34.61 -23.46 -19.38
CA GLU B 565 -33.20 -23.81 -19.26
C GLU B 565 -32.77 -23.89 -17.80
N LYS B 566 -33.09 -22.86 -17.03
CA LYS B 566 -32.67 -22.77 -15.64
C LYS B 566 -33.57 -23.61 -14.74
N LYS B 567 -34.80 -23.84 -15.16
CA LYS B 567 -35.68 -24.73 -14.41
C LYS B 567 -35.30 -26.20 -14.60
N MET B 568 -34.48 -26.49 -15.60
CA MET B 568 -34.06 -27.86 -15.82
C MET B 568 -32.93 -28.08 -14.82
N LYS B 569 -31.78 -27.45 -15.06
CA LYS B 569 -30.70 -27.40 -14.07
C LYS B 569 -29.76 -26.24 -14.35
N PRO B 582 -13.51 -40.89 -1.61
CA PRO B 582 -12.30 -40.14 -1.22
C PRO B 582 -11.11 -41.02 -0.84
N SER B 583 -11.31 -42.33 -0.74
CA SER B 583 -10.20 -43.22 -0.52
C SER B 583 -9.58 -43.75 -1.81
N LEU B 584 -10.13 -43.37 -2.97
CA LEU B 584 -9.54 -43.82 -4.23
C LEU B 584 -8.69 -42.71 -4.80
N ILE B 585 -7.41 -42.75 -4.49
CA ILE B 585 -6.49 -41.77 -5.01
C ILE B 585 -5.12 -42.39 -5.02
N THR B 586 -4.34 -42.16 -6.06
CA THR B 586 -2.91 -42.31 -5.94
C THR B 586 -2.32 -41.21 -6.81
N PHE B 587 -1.52 -40.32 -6.24
CA PHE B 587 -0.92 -39.25 -7.01
C PHE B 587 0.49 -39.66 -7.45
N LEU B 588 0.73 -39.73 -8.76
CA LEU B 588 2.04 -40.13 -9.30
C LEU B 588 2.98 -39.02 -9.79
N CYS B 589 2.60 -37.76 -9.56
CA CYS B 589 3.47 -36.60 -9.84
C CYS B 589 3.48 -36.21 -11.33
N LYS B 590 2.79 -36.97 -12.19
CA LYS B 590 2.67 -36.63 -13.61
C LYS B 590 3.99 -36.34 -14.32
N ASN B 591 5.06 -36.97 -13.83
CA ASN B 591 6.36 -36.99 -14.47
C ASN B 591 7.18 -37.83 -13.54
N CYS B 592 8.22 -38.47 -14.05
CA CYS B 592 9.05 -39.35 -13.22
C CYS B 592 8.31 -40.56 -12.58
N SER B 593 6.98 -40.60 -12.61
CA SER B 593 6.20 -41.67 -12.01
C SER B 593 6.69 -42.14 -10.64
N VAL B 594 6.42 -41.36 -9.60
CA VAL B 594 6.72 -41.78 -8.23
C VAL B 594 5.54 -41.38 -7.39
N LEU B 595 5.11 -42.28 -6.51
CA LEU B 595 3.95 -42.00 -5.69
C LEU B 595 4.30 -40.85 -4.77
N ALA B 596 3.47 -39.82 -4.80
CA ALA B 596 3.72 -38.63 -4.00
C ALA B 596 2.93 -38.71 -2.71
N CYS B 597 1.60 -38.64 -2.79
CA CYS B 597 0.78 -38.78 -1.59
C CYS B 597 -0.54 -39.47 -1.91
N SER B 598 -0.96 -40.36 -1.03
CA SER B 598 -2.28 -40.95 -1.14
C SER B 598 -3.31 -39.90 -0.80
N GLY B 599 -4.56 -40.16 -1.15
CA GLY B 599 -5.55 -39.11 -1.16
C GLY B 599 -6.12 -38.80 0.20
N GLU B 600 -5.94 -39.69 1.17
CA GLU B 600 -6.40 -39.36 2.50
C GLU B 600 -5.56 -38.18 3.00
N ASP B 601 -4.29 -38.15 2.60
CA ASP B 601 -3.33 -37.15 3.10
C ASP B 601 -3.63 -35.71 2.65
N ILE B 602 -4.51 -35.54 1.65
CA ILE B 602 -4.89 -34.20 1.21
C ILE B 602 -5.95 -33.62 2.15
N HIS B 603 -5.91 -32.31 2.33
CA HIS B 603 -6.86 -31.59 3.18
C HIS B 603 -7.28 -30.28 2.50
N VAL B 604 -8.37 -29.69 2.98
CA VAL B 604 -8.88 -28.44 2.42
C VAL B 604 -9.13 -27.39 3.50
N ILE B 605 -8.62 -26.17 3.30
CA ILE B 605 -8.89 -25.09 4.23
C ILE B 605 -9.77 -24.03 3.56
N GLU B 606 -10.77 -23.57 4.31
CA GLU B 606 -11.71 -22.54 3.84
C GLU B 606 -12.39 -22.94 2.53
N LYS B 607 -12.59 -24.25 2.34
CA LYS B 607 -13.30 -24.77 1.17
C LYS B 607 -12.56 -24.60 -0.16
N MET B 608 -11.38 -24.00 -0.13
CA MET B 608 -10.70 -23.62 -1.35
C MET B 608 -9.36 -24.33 -1.50
N HIS B 609 -8.41 -23.98 -0.64
CA HIS B 609 -7.03 -24.38 -0.87
C HIS B 609 -6.81 -25.86 -0.54
N HIS B 610 -6.24 -26.60 -1.50
CA HIS B 610 -5.97 -28.02 -1.32
C HIS B 610 -4.52 -28.24 -0.90
N VAL B 611 -4.34 -28.70 0.35
CA VAL B 611 -3.05 -28.70 1.02
C VAL B 611 -2.75 -30.07 1.59
N ASN B 612 -1.46 -30.36 1.74
CA ASN B 612 -1.01 -31.55 2.40
C ASN B 612 -0.13 -31.22 3.60
N MET B 613 -0.63 -31.47 4.81
CA MET B 613 0.14 -31.18 6.03
C MET B 613 0.88 -32.42 6.56
N THR B 614 0.70 -33.56 5.91
CA THR B 614 1.25 -34.83 6.38
C THR B 614 2.78 -34.82 6.30
N PRO B 615 3.47 -35.18 7.41
CA PRO B 615 4.94 -35.08 7.42
C PRO B 615 5.66 -35.90 6.37
N GLU B 616 5.12 -37.06 6.00
CA GLU B 616 5.63 -37.85 4.88
C GLU B 616 5.85 -37.00 3.63
N PHE B 617 4.90 -36.09 3.38
CA PHE B 617 4.90 -35.29 2.17
C PHE B 617 6.07 -34.32 2.11
N LYS B 618 6.52 -33.82 3.25
CA LYS B 618 7.63 -32.88 3.28
C LYS B 618 8.90 -33.44 2.66
N GLU B 619 9.16 -34.72 2.88
CA GLU B 619 10.40 -35.33 2.41
C GLU B 619 10.46 -35.38 0.89
N LEU B 620 9.29 -35.47 0.25
CA LEU B 620 9.24 -35.75 -1.18
C LEU B 620 9.50 -34.54 -2.08
N TYR B 621 9.45 -33.33 -1.52
CA TYR B 621 9.64 -32.13 -2.33
C TYR B 621 10.81 -31.26 -1.88
N ILE B 622 11.23 -30.41 -2.80
CA ILE B 622 12.28 -29.42 -2.59
C ILE B 622 11.58 -28.08 -2.72
N VAL B 623 12.13 -27.03 -2.11
CA VAL B 623 11.49 -25.71 -2.16
C VAL B 623 12.43 -24.63 -2.66
N ARG B 624 11.88 -23.68 -3.41
CA ARG B 624 12.55 -22.42 -3.76
C ARG B 624 11.59 -21.51 -4.54
N GLY B 640 6.34 -18.80 -2.83
CA GLY B 640 7.14 -20.00 -2.69
C GLY B 640 6.74 -21.09 -3.66
N GLU B 641 7.72 -21.86 -4.13
CA GLU B 641 7.49 -22.95 -5.07
C GLU B 641 7.93 -24.29 -4.47
N ILE B 642 7.11 -25.32 -4.61
CA ILE B 642 7.51 -26.70 -4.26
C ILE B 642 7.64 -27.54 -5.53
N ILE B 643 8.71 -28.34 -5.62
CA ILE B 643 9.03 -29.11 -6.82
C ILE B 643 9.39 -30.54 -6.45
N CYS B 644 9.27 -31.45 -7.41
CA CYS B 644 9.42 -32.88 -7.15
C CYS B 644 10.87 -33.28 -6.91
N LYS B 645 11.03 -34.57 -6.64
CA LYS B 645 12.35 -35.20 -6.61
C LYS B 645 12.95 -34.96 -7.99
N CYS B 646 12.17 -35.34 -9.00
CA CYS B 646 12.57 -35.24 -10.41
C CYS B 646 12.83 -33.81 -10.87
N GLY B 647 12.22 -32.84 -10.20
CA GLY B 647 12.35 -31.45 -10.56
C GLY B 647 11.09 -30.86 -11.16
N GLN B 648 10.14 -31.71 -11.54
CA GLN B 648 8.87 -31.20 -12.06
C GLN B 648 8.11 -30.49 -10.95
N ALA B 649 7.70 -29.26 -11.23
CA ALA B 649 6.96 -28.46 -10.25
C ALA B 649 5.72 -29.21 -9.76
N TRP B 650 5.42 -29.05 -8.48
CA TRP B 650 4.25 -29.66 -7.81
C TRP B 650 3.20 -28.59 -7.47
N GLY B 651 3.61 -27.59 -6.70
CA GLY B 651 2.69 -26.54 -6.28
C GLY B 651 3.39 -25.29 -5.80
N THR B 652 2.62 -24.35 -5.26
CA THR B 652 3.16 -23.14 -4.64
C THR B 652 2.76 -23.15 -3.18
N MET B 653 3.58 -22.56 -2.32
CA MET B 653 3.32 -22.59 -0.89
C MET B 653 2.71 -21.28 -0.37
N MET B 654 1.44 -21.36 0.04
CA MET B 654 0.76 -20.24 0.68
C MET B 654 0.84 -20.39 2.19
N VAL B 655 0.99 -19.27 2.90
CA VAL B 655 1.17 -19.28 4.34
C VAL B 655 0.03 -18.56 5.07
N HIS B 656 -0.51 -19.23 6.09
CA HIS B 656 -1.47 -18.63 6.99
C HIS B 656 -1.12 -19.03 8.42
N LEU B 661 2.62 -23.40 4.60
CA LEU B 661 1.75 -24.53 4.33
C LEU B 661 1.75 -24.87 2.85
N PRO B 662 2.28 -26.07 2.47
CA PRO B 662 2.33 -26.40 1.04
C PRO B 662 0.96 -26.63 0.40
N CYS B 663 0.69 -25.97 -0.73
CA CYS B 663 -0.54 -26.17 -1.50
C CYS B 663 -0.15 -26.73 -2.86
N LEU B 664 -0.97 -27.64 -3.39
CA LEU B 664 -0.61 -28.33 -4.62
C LEU B 664 -1.65 -28.24 -5.73
N LYS B 665 -1.18 -27.93 -6.93
CA LYS B 665 -2.02 -27.79 -8.11
C LYS B 665 -2.32 -29.17 -8.66
N ILE B 666 -3.59 -29.41 -8.97
CA ILE B 666 -4.01 -30.70 -9.50
C ILE B 666 -3.29 -31.03 -10.80
N ARG B 667 -3.00 -30.00 -11.59
CA ARG B 667 -2.44 -30.15 -12.92
C ARG B 667 -1.17 -30.99 -12.95
N ASN B 668 -0.39 -30.93 -11.87
CA ASN B 668 0.88 -31.62 -11.82
C ASN B 668 0.82 -33.12 -11.50
N PHE B 669 -0.34 -33.64 -11.16
CA PHE B 669 -0.42 -35.05 -10.78
C PHE B 669 -1.33 -35.84 -11.72
N VAL B 670 -1.12 -37.14 -11.76
CA VAL B 670 -2.05 -38.05 -12.44
C VAL B 670 -2.57 -38.98 -11.37
N VAL B 671 -3.88 -38.97 -11.17
CA VAL B 671 -4.50 -39.78 -10.14
C VAL B 671 -4.83 -41.16 -10.68
N VAL B 672 -4.40 -42.21 -10.00
CA VAL B 672 -4.79 -43.55 -10.39
C VAL B 672 -5.88 -43.97 -9.42
N PHE B 673 -7.03 -44.33 -9.98
CA PHE B 673 -8.15 -44.81 -9.18
C PHE B 673 -7.92 -46.22 -8.67
N LYS B 674 -8.52 -46.54 -7.53
CA LYS B 674 -8.43 -47.86 -6.92
C LYS B 674 -9.59 -48.72 -7.38
N ASN B 675 -9.35 -50.02 -7.48
CA ASN B 675 -10.32 -50.96 -8.06
C ASN B 675 -10.26 -51.00 -9.58
N ASN B 676 -9.60 -50.02 -10.16
CA ASN B 676 -9.34 -50.00 -11.59
C ASN B 676 -7.93 -49.52 -11.73
N SER B 677 -7.19 -50.01 -12.70
CA SER B 677 -5.82 -49.55 -12.89
C SER B 677 -5.81 -48.22 -13.67
N THR B 678 -6.99 -47.67 -13.95
CA THR B 678 -7.12 -46.44 -14.74
C THR B 678 -6.45 -45.20 -14.13
N LYS B 679 -5.60 -44.57 -14.94
CA LYS B 679 -4.88 -43.36 -14.57
C LYS B 679 -5.47 -42.17 -15.33
N LYS B 680 -6.13 -41.26 -14.62
CA LYS B 680 -6.68 -40.03 -15.21
C LYS B 680 -6.01 -38.74 -14.72
N GLN B 681 -6.08 -37.69 -15.54
CA GLN B 681 -5.54 -36.38 -15.19
C GLN B 681 -6.63 -35.30 -15.21
N TYR B 682 -6.49 -34.31 -14.33
CA TYR B 682 -7.49 -33.26 -14.16
C TYR B 682 -6.88 -31.86 -14.27
N LYS B 683 -7.64 -30.93 -14.86
CA LYS B 683 -7.22 -29.55 -15.04
C LYS B 683 -7.40 -28.70 -13.78
N LYS B 684 -8.56 -28.84 -13.13
CA LYS B 684 -8.87 -28.08 -11.93
C LYS B 684 -9.48 -29.00 -10.88
N TRP B 685 -9.51 -28.54 -9.63
CA TRP B 685 -9.98 -29.39 -8.56
C TRP B 685 -11.44 -29.79 -8.77
N VAL B 686 -12.28 -28.84 -9.20
CA VAL B 686 -13.73 -29.09 -9.30
C VAL B 686 -14.05 -30.36 -10.08
N GLU B 687 -13.26 -30.63 -11.10
CA GLU B 687 -13.51 -31.71 -12.04
C GLU B 687 -13.43 -33.09 -11.36
N LEU B 688 -12.54 -33.22 -10.40
CA LEU B 688 -12.40 -34.46 -9.62
C LEU B 688 -13.60 -34.66 -8.68
N PRO B 689 -14.29 -35.80 -8.79
CA PRO B 689 -15.55 -35.98 -8.07
C PRO B 689 -15.42 -36.09 -6.57
N ILE B 690 -14.33 -36.70 -6.11
CA ILE B 690 -14.19 -37.09 -4.71
C ILE B 690 -14.12 -35.87 -3.77
N THR B 691 -14.70 -36.00 -2.58
CA THR B 691 -14.68 -34.92 -1.60
C THR B 691 -13.50 -35.10 -0.64
N PHE B 692 -12.93 -33.98 -0.20
CA PHE B 692 -11.80 -34.02 0.73
C PHE B 692 -12.21 -33.48 2.07
N PRO B 693 -11.64 -34.02 3.15
CA PRO B 693 -12.01 -33.57 4.49
C PRO B 693 -11.60 -32.12 4.72
N ASN B 694 -12.54 -31.30 5.17
CA ASN B 694 -12.28 -29.89 5.43
C ASN B 694 -11.55 -29.64 6.75
N LEU B 695 -10.91 -28.49 6.87
CA LEU B 695 -10.23 -28.08 8.09
C LEU B 695 -10.76 -26.71 8.51
PG ANP G . 29.25 7.24 26.52
O1G ANP G . 28.42 8.46 26.79
O2G ANP G . 29.13 6.26 27.72
O3G ANP G . 28.78 6.56 25.18
PB ANP G . 31.13 8.76 25.23
O1B ANP G . 29.84 9.04 24.52
O2B ANP G . 32.25 8.31 24.20
N3B ANP G . 30.88 7.57 26.37
PA ANP G . 32.66 10.78 26.54
O1A ANP G . 32.36 12.23 26.29
O2A ANP G . 33.01 10.63 28.01
O3A ANP G . 31.36 10.02 26.16
O5' ANP G . 33.83 10.33 25.59
C5' ANP G . 34.21 11.26 24.63
C4' ANP G . 35.47 11.93 25.13
O4' ANP G . 36.13 11.12 26.05
C3' ANP G . 36.37 12.21 24.00
O3' ANP G . 36.57 13.57 23.83
C2' ANP G . 37.66 11.64 24.32
O2' ANP G . 38.56 12.68 24.44
C1' ANP G . 37.47 11.02 25.64
N9 ANP G . 37.85 9.62 25.63
C8 ANP G . 37.01 8.58 25.48
N7 ANP G . 37.70 7.45 25.53
C5 ANP G . 39.00 7.73 25.71
C6 ANP G . 40.15 6.96 25.83
N6 ANP G . 40.01 5.54 25.76
N1 ANP G . 41.35 7.54 26.01
C2 ANP G . 41.46 8.90 26.08
N3 ANP G . 40.36 9.68 25.96
C4 ANP G . 39.13 9.13 25.79
ZN ZN H . -17.53 25.17 8.90
PG ANP I . -19.75 4.97 -22.72
O1G ANP I . -19.11 5.06 -21.37
O2G ANP I . -18.74 4.34 -23.74
O3G ANP I . -21.03 4.07 -22.60
PB ANP I . -19.32 7.15 -24.46
O1B ANP I . -20.04 8.37 -24.93
O2B ANP I . -19.17 6.14 -25.66
N3B ANP I . -20.21 6.51 -23.19
PA ANP I . -16.87 8.28 -24.84
O1A ANP I . -15.71 8.78 -24.02
O2A ANP I . -16.37 7.33 -25.90
O3A ANP I . -17.89 7.54 -23.91
O5' ANP I . -17.59 9.52 -25.49
C5' ANP I . -16.98 10.77 -25.44
C4' ANP I . -17.52 11.58 -24.28
O4' ANP I . -18.46 12.54 -24.63
C3' ANP I . -18.19 10.76 -23.25
O3' ANP I . -17.27 10.40 -22.26
C2' ANP I . -19.17 11.63 -22.63
O2' ANP I . -18.75 11.91 -21.34
C1' ANP I . -19.13 12.86 -23.44
N9 ANP I . -20.48 13.38 -23.68
C8 ANP I . -21.53 12.67 -24.13
N7 ANP I . -22.59 13.46 -24.23
C5 ANP I . -22.27 14.70 -23.83
C6 ANP I . -22.97 15.91 -23.72
N6 ANP I . -24.36 15.98 -24.07
N1 ANP I . -22.33 17.01 -23.27
C2 ANP I . -21.02 16.97 -22.93
N3 ANP I . -20.32 15.82 -23.03
C4 ANP I . -20.91 14.67 -23.47
ZN ZN J . 8.71 -36.62 -10.16
#